data_8P72
#
_entry.id   8P72
#
_cell.length_a   1.00
_cell.length_b   1.00
_cell.length_c   1.00
_cell.angle_alpha   90.00
_cell.angle_beta   90.00
_cell.angle_gamma   90.00
#
_symmetry.space_group_name_H-M   'P 1'
#
loop_
_entity.id
_entity.type
_entity.pdbx_description
1 polymer 'CDK-activating kinase assembly factor MAT1'
2 polymer Cyclin-H
3 polymer 'Cyclin-dependent kinase 7'
4 non-polymer ~{N}7-(phenylmethyl)-~{N}5-[(3~{S})-piperidin-3-yl]-3-propan-2-yl-pyrazolo[1,5-a]pyrimidine-5,7-diamine
5 water water
#
loop_
_entity_poly.entity_id
_entity_poly.type
_entity_poly.pdbx_seq_one_letter_code
_entity_poly.pdbx_strand_id
1 'polypeptide(L)'
;SNAPVTFSTGIKMGQHISLAPIHKLEEALYEYQPLQIETYGPHVPELEMLGRLGYLNHVRAASPQDLAGGYTSSLACHRA
LQDAFSGLFWQPS
;
H
2 'polypeptide(L)'
;(ACE)MYHNSSQKRHWTFSSEEQLARLRADANRKFRCKAVANGKVLPNDPVFLEPHEEMTLCKYYEKRLLEFCSVFKPAM
PRSVVGTACMYFKRFYLNNSVMEYHPRIIMLTCAFLACKVDEFNVSSPQFVGNLRESPLGQEKALEQILEYELLLIQQLN
FHLIVHNPYRPFEGFLIDLKTRYPILENPEILRKTADDFLNRIALTDAYLLYTPSQIALTAILSSASRAGITMESYLSES
LMLKENRTCLSQLLDIMKSMRNLVKKYEPPRSEEVAVLKQKLERCHSAELALNVITKKRKGYEDDDYVSKKSKHEEEEWT
DDDLVESL
;
I
3 'polypeptide(L)'
;SNAMALDVKSRAKRYEKLDFLGEGQFATVYKARDKNTNQIVAIKKIKLGHRSEAKDGINRTALREIKLLQELSHPNIIGL
LDAFGHKSNISLVFDFMETDLEVIIKDNSLVLTPSHIKAYMLMTLQGLEYLHQHWILHRDLKPNNLLLDENGVLKLADFG
LAKSFGSPNRAYTHQVVTRWYRAPELLFGARMYGVGVDMWAVGCILAELLLRVPFLPGDSDLDQLTRIFETLGTPTEEQW
PDMCSLPDYVTFKSFPGIPLHHIFSAAGDDLLDLIQGLFLFNPCARITATQALKMKYFSNRPGPTPGCQLPRPNCPVETL
KEQSNPALAIKRKRTEALEQGGLPKKLIF
;
J
#
loop_
_chem_comp.id
_chem_comp.type
_chem_comp.name
_chem_comp.formula
ACE non-polymer 'ACETYL GROUP' 'C2 H4 O'
X2Z non-polymer ~{N}7-(phenylmethyl)-~{N}5-[(3~{S})-piperidin-3-yl]-3-propan-2-yl-pyrazolo[1,5-a]pyrimidine-5,7-diamine 'C21 H28 N6'
#
# COMPACT_ATOMS: atom_id res chain seq x y z
N ALA A 28 10.71 -28.12 -21.97
CA ALA A 28 10.63 -26.71 -21.58
C ALA A 28 9.18 -26.28 -21.43
N LEU A 29 8.66 -26.38 -20.21
CA LEU A 29 7.28 -26.04 -19.91
C LEU A 29 7.23 -25.13 -18.68
N TYR A 30 6.02 -24.69 -18.34
CA TYR A 30 5.77 -23.91 -17.15
C TYR A 30 4.84 -24.67 -16.22
N GLU A 31 5.10 -24.60 -14.92
CA GLU A 31 4.25 -25.21 -13.91
C GLU A 31 3.99 -24.20 -12.82
N TYR A 32 2.73 -24.06 -12.41
CA TYR A 32 2.38 -23.10 -11.39
C TYR A 32 2.91 -23.54 -10.03
N GLN A 33 3.58 -22.62 -9.34
CA GLN A 33 3.99 -22.79 -7.96
C GLN A 33 3.53 -21.56 -7.19
N PRO A 34 2.80 -21.72 -6.09
CA PRO A 34 2.31 -20.56 -5.36
C PRO A 34 3.44 -19.76 -4.74
N LEU A 35 3.17 -18.47 -4.53
CA LEU A 35 4.18 -17.58 -3.97
C LEU A 35 4.52 -17.98 -2.55
N GLN A 36 5.81 -18.01 -2.24
CA GLN A 36 6.31 -18.39 -0.92
C GLN A 36 6.75 -17.14 -0.19
N ILE A 37 5.89 -16.62 0.68
CA ILE A 37 6.19 -15.46 1.50
C ILE A 37 5.88 -15.82 2.94
N GLU A 38 6.89 -15.75 3.81
CA GLU A 38 6.70 -16.06 5.22
C GLU A 38 6.00 -14.90 5.90
N THR A 39 4.85 -15.16 6.48
CA THR A 39 4.10 -14.14 7.20
C THR A 39 4.45 -14.07 8.67
N TYR A 40 5.28 -15.00 9.17
CA TYR A 40 5.67 -15.04 10.58
C TYR A 40 4.46 -14.99 11.50
N GLY A 41 3.42 -15.72 11.12
CA GLY A 41 2.19 -15.70 11.86
C GLY A 41 1.30 -16.89 11.57
N PRO A 42 0.14 -16.92 12.21
CA PRO A 42 -0.77 -18.06 12.07
C PRO A 42 -1.33 -18.17 10.66
N HIS A 43 -1.74 -19.39 10.32
CA HIS A 43 -2.28 -19.67 8.99
C HIS A 43 -3.57 -18.90 8.76
N VAL A 44 -3.67 -18.27 7.59
CA VAL A 44 -4.85 -17.51 7.20
C VAL A 44 -5.71 -18.39 6.30
N PRO A 45 -6.99 -18.60 6.62
CA PRO A 45 -7.83 -19.45 5.77
C PRO A 45 -7.99 -18.85 4.38
N GLU A 46 -8.16 -19.73 3.40
CA GLU A 46 -8.21 -19.32 2.00
C GLU A 46 -9.41 -18.41 1.75
N LEU A 47 -9.28 -17.59 0.71
CA LEU A 47 -10.28 -16.57 0.42
C LEU A 47 -11.64 -17.21 0.12
N GLU A 48 -11.65 -18.29 -0.66
CA GLU A 48 -12.90 -18.93 -1.03
C GLU A 48 -13.57 -19.62 0.15
N MET A 49 -12.77 -20.08 1.13
CA MET A 49 -13.32 -20.83 2.25
C MET A 49 -13.93 -19.95 3.33
N LEU A 50 -13.70 -18.62 3.29
CA LEU A 50 -14.16 -17.75 4.35
C LEU A 50 -15.67 -17.86 4.55
N GLY A 51 -16.42 -18.00 3.47
CA GLY A 51 -17.85 -18.20 3.59
C GLY A 51 -18.19 -19.51 4.29
N ARG A 52 -17.54 -20.60 3.89
CA ARG A 52 -17.85 -21.90 4.47
C ARG A 52 -17.49 -21.95 5.95
N LEU A 53 -16.39 -21.31 6.34
CA LEU A 53 -15.93 -21.34 7.72
C LEU A 53 -16.66 -20.34 8.61
N GLY A 54 -17.54 -19.52 8.06
CA GLY A 54 -18.34 -18.61 8.86
C GLY A 54 -17.71 -17.27 9.15
N TYR A 55 -16.56 -16.95 8.54
CA TYR A 55 -15.95 -15.64 8.75
C TYR A 55 -16.83 -14.52 8.20
N LEU A 56 -17.44 -14.75 7.03
CA LEU A 56 -18.18 -13.69 6.35
C LEU A 56 -19.39 -13.22 7.14
N ASN A 57 -19.82 -13.98 8.15
CA ASN A 57 -20.91 -13.53 9.01
C ASN A 57 -20.50 -12.38 9.93
N HIS A 58 -19.20 -12.05 9.99
CA HIS A 58 -18.71 -10.99 10.87
C HIS A 58 -18.09 -9.84 10.09
N VAL A 59 -18.38 -9.74 8.80
CA VAL A 59 -18.02 -8.58 8.00
C VAL A 59 -19.27 -8.11 7.27
N ARG A 60 -19.28 -6.84 6.90
CA ARG A 60 -20.42 -6.27 6.19
C ARG A 60 -20.41 -6.74 4.74
N ALA A 61 -21.56 -7.21 4.26
CA ALA A 61 -21.66 -7.74 2.91
C ALA A 61 -21.48 -6.64 1.88
N ALA A 62 -20.88 -7.00 0.75
CA ALA A 62 -20.71 -6.04 -0.33
C ALA A 62 -22.06 -5.71 -0.97
N SER A 63 -22.25 -4.43 -1.28
CA SER A 63 -23.49 -3.97 -1.87
C SER A 63 -23.60 -4.46 -3.31
N PRO A 64 -24.81 -4.42 -3.89
CA PRO A 64 -24.94 -4.81 -5.30
C PRO A 64 -24.04 -4.00 -6.23
N GLN A 65 -23.85 -2.72 -5.95
CA GLN A 65 -22.89 -1.94 -6.73
C GLN A 65 -21.47 -2.49 -6.57
N ASP A 66 -21.09 -2.83 -5.34
CA ASP A 66 -19.76 -3.38 -5.10
C ASP A 66 -19.57 -4.72 -5.82
N LEU A 67 -20.58 -5.59 -5.73
CA LEU A 67 -20.51 -6.87 -6.44
C LEU A 67 -20.43 -6.67 -7.94
N ALA A 68 -21.20 -5.70 -8.46
CA ALA A 68 -21.15 -5.37 -9.87
C ALA A 68 -19.75 -4.94 -10.28
N GLY A 69 -19.10 -4.13 -9.45
CA GLY A 69 -17.73 -3.75 -9.74
C GLY A 69 -16.70 -4.81 -9.45
N GLY A 70 -17.10 -5.91 -8.80
CA GLY A 70 -16.19 -6.96 -8.43
C GLY A 70 -15.72 -6.94 -6.99
N TYR A 71 -16.24 -6.03 -6.17
CA TYR A 71 -15.86 -5.97 -4.77
C TYR A 71 -16.76 -6.88 -3.95
N THR A 72 -16.15 -7.75 -3.15
CA THR A 72 -16.88 -8.66 -2.28
C THR A 72 -16.37 -8.52 -0.85
N SER A 73 -17.26 -8.79 0.11
CA SER A 73 -16.90 -8.71 1.52
C SER A 73 -15.78 -9.70 1.87
N SER A 74 -15.63 -10.77 1.09
CA SER A 74 -14.54 -11.71 1.31
C SER A 74 -13.19 -11.03 1.18
N LEU A 75 -13.07 -10.03 0.30
CA LEU A 75 -11.82 -9.29 0.17
C LEU A 75 -11.46 -8.58 1.47
N ALA A 76 -12.41 -7.83 2.03
CA ALA A 76 -12.15 -7.11 3.27
C ALA A 76 -11.84 -8.08 4.41
N CYS A 77 -12.60 -9.16 4.51
CA CYS A 77 -12.35 -10.14 5.56
C CYS A 77 -10.97 -10.76 5.43
N HIS A 78 -10.57 -11.12 4.21
CA HIS A 78 -9.27 -11.75 3.99
C HIS A 78 -8.14 -10.79 4.32
N ARG A 79 -8.26 -9.52 3.90
CA ARG A 79 -7.20 -8.57 4.22
C ARG A 79 -7.10 -8.35 5.72
N ALA A 80 -8.24 -8.24 6.40
CA ALA A 80 -8.21 -8.06 7.85
C ALA A 80 -7.55 -9.24 8.55
N LEU A 81 -7.89 -10.47 8.15
CA LEU A 81 -7.27 -11.63 8.76
C LEU A 81 -5.77 -11.68 8.50
N GLN A 82 -5.36 -11.39 7.26
CA GLN A 82 -3.94 -11.40 6.94
C GLN A 82 -3.18 -10.36 7.76
N ASP A 83 -3.76 -9.17 7.94
CA ASP A 83 -3.08 -8.15 8.73
C ASP A 83 -3.05 -8.52 10.21
N ALA A 84 -4.11 -9.18 10.70
CA ALA A 84 -4.11 -9.63 12.09
C ALA A 84 -3.02 -10.67 12.34
N PHE A 85 -2.81 -11.58 11.39
CA PHE A 85 -1.86 -12.66 11.59
C PHE A 85 -0.47 -12.35 11.08
N SER A 86 -0.25 -11.22 10.44
CA SER A 86 1.05 -10.91 9.85
C SER A 86 2.07 -10.62 10.94
N GLY A 87 3.18 -11.37 10.93
CA GLY A 87 4.30 -11.09 11.81
C GLY A 87 3.98 -11.14 13.29
N LEU A 88 3.00 -11.95 13.69
CA LEU A 88 2.64 -12.02 15.10
C LEU A 88 3.73 -12.69 15.92
N PHE A 89 4.51 -13.59 15.32
CA PHE A 89 5.54 -14.33 16.02
C PHE A 89 6.95 -13.79 15.77
N TRP A 90 7.10 -12.82 14.89
CA TRP A 90 8.43 -12.39 14.47
C TRP A 90 9.14 -11.59 15.57
N GLN A 91 10.46 -11.69 15.57
CA GLN A 91 11.32 -11.03 16.54
C GLN A 91 12.31 -10.12 15.84
N PRO A 92 12.41 -8.85 16.23
CA PRO A 92 13.45 -7.93 15.72
C PRO A 92 14.85 -8.49 15.94
C ACE B 1 1.31 -4.57 2.65
O ACE B 1 0.30 -4.44 3.33
CH3 ACE B 1 1.62 -3.68 1.48
N MET B 2 2.22 -5.50 2.89
CA MET B 2 2.15 -6.48 3.96
C MET B 2 3.21 -6.19 5.01
N TYR B 3 2.85 -6.28 6.30
CA TYR B 3 3.83 -5.97 7.33
C TYR B 3 5.01 -6.93 7.32
N HIS B 4 4.75 -8.22 7.04
CA HIS B 4 5.80 -9.22 7.16
C HIS B 4 6.92 -9.05 6.14
N ASN B 5 6.74 -8.20 5.13
CA ASN B 5 7.84 -7.82 4.24
C ASN B 5 7.92 -6.30 4.09
N SER B 6 7.50 -5.56 5.12
CA SER B 6 7.41 -4.12 5.06
C SER B 6 8.70 -3.45 5.51
N SER B 7 8.89 -2.21 5.06
CA SER B 7 10.02 -1.41 5.53
C SER B 7 9.93 -1.13 7.02
N GLN B 8 8.71 -1.07 7.56
CA GLN B 8 8.55 -0.88 9.00
C GLN B 8 9.19 -2.01 9.79
N LYS B 9 8.97 -3.26 9.36
CA LYS B 9 9.54 -4.40 10.06
C LYS B 9 11.05 -4.46 9.88
N ARG B 10 11.54 -4.23 8.66
CA ARG B 10 12.96 -4.39 8.40
C ARG B 10 13.80 -3.28 9.01
N HIS B 11 13.28 -2.04 9.00
CA HIS B 11 14.09 -0.87 9.31
C HIS B 11 13.61 -0.05 10.50
N TRP B 12 12.36 -0.20 10.94
CA TRP B 12 11.83 0.68 11.97
C TRP B 12 11.19 -0.09 13.12
N THR B 13 11.60 -1.34 13.33
CA THR B 13 11.28 -2.10 14.53
C THR B 13 12.61 -2.46 15.17
N PHE B 14 12.83 -2.01 16.40
CA PHE B 14 14.14 -2.04 17.01
C PHE B 14 14.21 -3.06 18.14
N SER B 15 15.44 -3.51 18.41
CA SER B 15 15.64 -4.64 19.31
C SER B 15 15.20 -4.34 20.74
N SER B 16 15.51 -3.14 21.23
CA SER B 16 15.20 -2.82 22.62
C SER B 16 15.16 -1.30 22.78
N GLU B 17 14.63 -0.88 23.94
CA GLU B 17 14.61 0.54 24.28
C GLU B 17 16.02 1.12 24.37
N GLU B 18 17.00 0.28 24.69
CA GLU B 18 18.38 0.76 24.77
C GLU B 18 18.88 1.27 23.43
N GLN B 19 18.57 0.55 22.34
CA GLN B 19 18.97 1.01 21.02
C GLN B 19 18.30 2.33 20.65
N LEU B 20 17.03 2.48 21.04
CA LEU B 20 16.33 3.74 20.80
C LEU B 20 17.01 4.87 21.55
N ALA B 21 17.33 4.64 22.82
CA ALA B 21 18.01 5.66 23.62
C ALA B 21 19.38 6.00 23.02
N ARG B 22 20.07 5.00 22.47
CA ARG B 22 21.36 5.25 21.83
C ARG B 22 21.21 6.12 20.60
N LEU B 23 20.20 5.84 19.77
CA LEU B 23 19.97 6.67 18.59
C LEU B 23 19.64 8.10 18.98
N ARG B 24 18.78 8.28 19.98
CA ARG B 24 18.38 9.63 20.39
C ARG B 24 19.55 10.39 21.02
N ALA B 25 20.34 9.71 21.86
CA ALA B 25 21.51 10.35 22.45
C ALA B 25 22.54 10.70 21.39
N ASP B 26 22.67 9.86 20.36
CA ASP B 26 23.55 10.19 19.24
C ASP B 26 23.05 11.44 18.53
N ALA B 27 21.73 11.56 18.37
CA ALA B 27 21.16 12.78 17.77
C ALA B 27 21.53 14.01 18.60
N ASN B 28 21.36 13.92 19.91
CA ASN B 28 21.74 15.03 20.80
C ASN B 28 23.21 15.37 20.66
N ARG B 29 24.07 14.33 20.62
CA ARG B 29 25.50 14.56 20.54
C ARG B 29 25.92 15.22 19.23
N LYS B 30 25.38 14.76 18.10
CA LYS B 30 25.78 15.40 16.84
C LYS B 30 25.22 16.82 16.74
N PHE B 31 24.02 17.08 17.29
CA PHE B 31 23.59 18.48 17.30
C PHE B 31 24.52 19.33 18.13
N ARG B 32 24.95 18.83 19.29
CA ARG B 32 25.87 19.60 20.12
C ARG B 32 27.18 19.86 19.39
N CYS B 33 27.72 18.84 18.72
CA CYS B 33 28.97 19.02 17.98
C CYS B 33 28.82 20.03 16.86
N LYS B 34 27.72 19.95 16.11
CA LYS B 34 27.48 20.92 15.04
C LYS B 34 27.37 22.34 15.60
N ALA B 35 26.64 22.50 16.71
CA ALA B 35 26.45 23.83 17.29
C ALA B 35 27.76 24.41 17.79
N VAL B 36 28.58 23.62 18.49
CA VAL B 36 29.84 24.15 18.98
C VAL B 36 30.81 24.42 17.84
N ALA B 37 30.77 23.60 16.78
CA ALA B 37 31.64 23.83 15.63
C ALA B 37 31.16 24.98 14.76
N ASN B 38 29.91 25.41 14.90
CA ASN B 38 29.42 26.55 14.14
C ASN B 38 29.95 27.87 14.69
N GLY B 39 30.08 27.96 16.01
CA GLY B 39 30.56 29.17 16.65
C GLY B 39 30.15 29.27 18.10
N ASP B 45 27.09 24.26 28.84
CA ASP B 45 26.15 25.31 28.48
C ASP B 45 24.72 24.87 28.75
N PRO B 46 24.02 25.60 29.63
CA PRO B 46 22.65 25.21 29.98
C PRO B 46 21.63 25.39 28.87
N VAL B 47 22.00 26.02 27.75
CA VAL B 47 21.04 26.20 26.66
C VAL B 47 20.63 24.85 26.08
N PHE B 48 21.59 23.94 25.92
CA PHE B 48 21.30 22.62 25.39
C PHE B 48 20.40 21.85 26.36
N LEU B 49 19.54 21.00 25.80
CA LEU B 49 18.75 20.09 26.59
C LEU B 49 19.33 18.68 26.53
N GLU B 50 19.16 17.96 27.63
CA GLU B 50 19.55 16.56 27.69
C GLU B 50 18.53 15.69 26.95
N PRO B 51 18.91 14.47 26.57
CA PRO B 51 17.96 13.60 25.86
C PRO B 51 16.64 13.40 26.58
N HIS B 52 16.63 13.35 27.91
CA HIS B 52 15.36 13.18 28.62
C HIS B 52 14.46 14.40 28.45
N GLU B 53 15.05 15.60 28.41
CA GLU B 53 14.27 16.80 28.13
C GLU B 53 13.71 16.77 26.70
N GLU B 54 14.52 16.33 25.75
CA GLU B 54 14.04 16.16 24.38
C GLU B 54 12.88 15.17 24.33
N MET B 55 12.97 14.09 25.11
CA MET B 55 11.89 13.10 25.16
C MET B 55 10.61 13.71 25.73
N THR B 56 10.74 14.49 26.81
CA THR B 56 9.56 15.16 27.36
C THR B 56 8.90 16.07 26.33
N LEU B 57 9.72 16.86 25.61
CA LEU B 57 9.18 17.72 24.58
C LEU B 57 8.54 16.92 23.45
N CYS B 58 9.16 15.81 23.06
CA CYS B 58 8.61 14.99 21.97
C CYS B 58 7.29 14.36 22.38
N LYS B 59 7.17 13.91 23.62
CA LYS B 59 5.88 13.39 24.09
C LYS B 59 4.82 14.48 24.10
N TYR B 60 5.19 15.69 24.56
CA TYR B 60 4.23 16.78 24.55
C TYR B 60 3.77 17.11 23.14
N TYR B 61 4.71 17.15 22.19
CA TYR B 61 4.34 17.50 20.82
C TYR B 61 3.68 16.34 20.08
N GLU B 62 3.88 15.10 20.51
CA GLU B 62 3.07 14.01 19.99
C GLU B 62 1.62 14.14 20.46
N LYS B 63 1.44 14.54 21.71
CA LYS B 63 0.09 14.89 22.17
C LYS B 63 -0.50 16.02 21.34
N ARG B 64 0.33 17.04 21.04
CA ARG B 64 -0.14 18.16 20.23
C ARG B 64 -0.53 17.71 18.82
N LEU B 65 0.25 16.82 18.22
CA LEU B 65 -0.06 16.31 16.89
C LEU B 65 -1.34 15.50 16.92
N LEU B 66 -1.55 14.69 17.96
CA LEU B 66 -2.82 13.96 18.09
C LEU B 66 -3.98 14.93 18.20
N GLU B 67 -3.82 15.99 18.99
CA GLU B 67 -4.87 17.01 19.11
C GLU B 67 -5.15 17.67 17.77
N PHE B 68 -4.10 18.00 17.01
CA PHE B 68 -4.27 18.59 15.70
C PHE B 68 -5.04 17.66 14.76
N CYS B 69 -4.68 16.39 14.74
CA CYS B 69 -5.31 15.44 13.83
C CYS B 69 -6.72 15.08 14.25
N SER B 70 -7.07 15.24 15.53
CA SER B 70 -8.40 14.85 15.98
C SER B 70 -9.47 15.88 15.57
N VAL B 71 -9.11 17.16 15.49
CA VAL B 71 -10.05 18.20 15.13
C VAL B 71 -9.90 18.64 13.67
N PHE B 72 -9.18 17.84 12.88
CA PHE B 72 -8.89 18.19 11.49
C PHE B 72 -10.14 17.99 10.64
N LYS B 73 -10.56 19.06 9.94
CA LYS B 73 -11.69 18.99 9.00
C LYS B 73 -11.18 19.06 7.57
N PRO B 74 -11.54 18.11 6.69
CA PRO B 74 -12.44 16.97 6.93
C PRO B 74 -11.76 15.90 7.77
N ALA B 75 -12.54 15.00 8.38
CA ALA B 75 -12.00 14.04 9.33
C ALA B 75 -10.91 13.18 8.68
N MET B 76 -9.73 13.20 9.26
CA MET B 76 -8.67 12.32 8.79
C MET B 76 -8.99 10.88 9.21
N PRO B 77 -8.83 9.92 8.31
CA PRO B 77 -8.93 8.52 8.71
C PRO B 77 -7.88 8.20 9.77
N ARG B 78 -8.26 7.34 10.71
CA ARG B 78 -7.39 7.00 11.83
C ARG B 78 -6.04 6.47 11.35
N SER B 79 -6.01 5.84 10.17
CA SER B 79 -4.75 5.38 9.61
C SER B 79 -3.81 6.55 9.33
N VAL B 80 -4.35 7.67 8.84
CA VAL B 80 -3.52 8.85 8.59
C VAL B 80 -2.91 9.36 9.89
N VAL B 81 -3.71 9.41 10.96
CA VAL B 81 -3.20 9.87 12.24
C VAL B 81 -2.11 8.94 12.76
N GLY B 82 -2.33 7.63 12.65
CA GLY B 82 -1.30 6.70 13.06
C GLY B 82 -0.02 6.85 12.26
N THR B 83 -0.15 7.02 10.95
CA THR B 83 1.02 7.21 10.10
C THR B 83 1.76 8.49 10.48
N ALA B 84 1.03 9.57 10.76
CA ALA B 84 1.67 10.83 11.14
C ALA B 84 2.41 10.70 12.47
N CYS B 85 1.78 10.07 13.46
CA CYS B 85 2.45 9.89 14.75
C CYS B 85 3.69 9.01 14.61
N MET B 86 3.60 7.97 13.79
CA MET B 86 4.77 7.15 13.50
C MET B 86 5.87 7.96 12.83
N TYR B 87 5.49 8.84 11.91
CA TYR B 87 6.45 9.73 11.27
C TYR B 87 7.15 10.60 12.30
N PHE B 88 6.41 11.14 13.25
CA PHE B 88 6.99 11.99 14.28
C PHE B 88 8.00 11.21 15.13
N LYS B 89 7.60 10.03 15.59
CA LYS B 89 8.50 9.20 16.38
C LYS B 89 9.77 8.86 15.61
N ARG B 90 9.61 8.42 14.35
CA ARG B 90 10.76 8.05 13.55
C ARG B 90 11.69 9.23 13.30
N PHE B 91 11.11 10.40 13.04
CA PHE B 91 11.93 11.57 12.78
C PHE B 91 12.77 11.93 13.99
N TYR B 92 12.15 11.93 15.17
CA TYR B 92 12.89 12.34 16.36
C TYR B 92 13.67 11.21 17.01
N LEU B 93 13.64 10.01 16.43
CA LEU B 93 14.65 9.02 16.76
C LEU B 93 16.05 9.50 16.39
N ASN B 94 16.19 10.10 15.20
CA ASN B 94 17.49 10.46 14.66
C ASN B 94 17.66 11.97 14.48
N ASN B 95 16.84 12.78 15.13
CA ASN B 95 16.93 14.22 15.03
C ASN B 95 16.61 14.84 16.37
N SER B 96 17.17 16.03 16.60
CA SER B 96 16.98 16.75 17.85
C SER B 96 15.95 17.85 17.66
N VAL B 97 15.10 18.04 18.68
CA VAL B 97 14.15 19.15 18.67
C VAL B 97 14.87 20.48 18.64
N MET B 98 16.16 20.51 18.98
CA MET B 98 16.93 21.75 18.95
C MET B 98 17.30 22.18 17.53
N GLU B 99 17.32 21.25 16.58
CA GLU B 99 17.64 21.59 15.20
C GLU B 99 16.39 21.85 14.38
N TYR B 100 15.41 20.94 14.46
CA TYR B 100 14.15 21.07 13.75
C TYR B 100 13.04 21.16 14.77
N HIS B 101 12.26 22.24 14.71
CA HIS B 101 11.26 22.48 15.74
C HIS B 101 10.14 21.45 15.66
N PRO B 102 9.76 20.81 16.77
CA PRO B 102 8.66 19.84 16.72
C PRO B 102 7.34 20.42 16.31
N ARG B 103 7.07 21.70 16.60
CA ARG B 103 5.79 22.30 16.25
C ARG B 103 5.58 22.32 14.74
N ILE B 104 6.65 22.45 13.96
CA ILE B 104 6.53 22.47 12.51
C ILE B 104 6.70 21.07 11.94
N ILE B 105 7.58 20.27 12.53
CA ILE B 105 7.81 18.91 12.06
C ILE B 105 6.55 18.08 12.22
N MET B 106 5.79 18.29 13.30
CA MET B 106 4.56 17.54 13.48
C MET B 106 3.54 17.88 12.39
N LEU B 107 3.44 19.16 12.02
CA LEU B 107 2.52 19.56 10.95
C LEU B 107 2.98 18.98 9.61
N THR B 108 4.28 18.96 9.38
CA THR B 108 4.81 18.32 8.17
C THR B 108 4.50 16.84 8.16
N CYS B 109 4.58 16.20 9.33
CA CYS B 109 4.21 14.79 9.45
C CYS B 109 2.76 14.56 9.06
N ALA B 110 1.86 15.40 9.58
CA ALA B 110 0.45 15.28 9.24
C ALA B 110 0.21 15.51 7.75
N PHE B 111 0.87 16.51 7.18
CA PHE B 111 0.74 16.81 5.75
C PHE B 111 1.19 15.63 4.89
N LEU B 112 2.39 15.11 5.18
CA LEU B 112 2.91 13.99 4.42
C LEU B 112 2.05 12.75 4.59
N ALA B 113 1.54 12.50 5.81
CA ALA B 113 0.71 11.34 6.05
C ALA B 113 -0.61 11.45 5.29
N CYS B 114 -1.20 12.65 5.26
CA CYS B 114 -2.40 12.86 4.46
C CYS B 114 -2.14 12.54 2.99
N LYS B 115 -0.99 12.99 2.46
CA LYS B 115 -0.67 12.65 1.08
C LYS B 115 -0.47 11.16 0.89
N VAL B 116 0.28 10.52 1.78
CA VAL B 116 0.69 9.14 1.58
C VAL B 116 -0.50 8.19 1.69
N ASP B 117 -1.38 8.43 2.65
CA ASP B 117 -2.55 7.58 2.86
C ASP B 117 -3.72 7.92 1.94
N GLU B 118 -3.46 8.67 0.86
CA GLU B 118 -4.47 8.97 -0.15
C GLU B 118 -5.70 9.65 0.45
N PHE B 119 -5.48 10.56 1.39
CA PHE B 119 -6.55 11.34 2.00
C PHE B 119 -6.48 12.73 1.37
N ASN B 120 -7.23 12.90 0.28
CA ASN B 120 -7.11 14.09 -0.56
C ASN B 120 -7.62 15.31 0.18
N VAL B 121 -6.70 16.18 0.61
CA VAL B 121 -7.02 17.48 1.16
C VAL B 121 -6.13 18.50 0.48
N SER B 122 -6.71 19.63 0.08
CA SER B 122 -5.92 20.70 -0.50
C SER B 122 -5.09 21.38 0.58
N SER B 123 -3.95 21.94 0.16
CA SER B 123 -3.11 22.68 1.09
C SER B 123 -3.85 23.83 1.79
N PRO B 124 -4.67 24.63 1.11
CA PRO B 124 -5.44 25.65 1.86
C PRO B 124 -6.30 25.06 2.96
N GLN B 125 -6.95 23.92 2.72
CA GLN B 125 -7.76 23.29 3.78
C GLN B 125 -6.87 22.84 4.94
N PHE B 126 -5.76 22.17 4.61
CA PHE B 126 -4.85 21.68 5.63
C PHE B 126 -4.36 22.82 6.52
N VAL B 127 -3.93 23.93 5.92
CA VAL B 127 -3.43 25.05 6.70
C VAL B 127 -4.55 25.84 7.36
N GLY B 128 -5.77 25.79 6.81
CA GLY B 128 -6.91 26.39 7.49
C GLY B 128 -7.31 25.62 8.73
N ASN B 129 -6.94 24.34 8.82
CA ASN B 129 -7.14 23.62 10.07
C ASN B 129 -6.33 24.23 11.21
N LEU B 130 -5.15 24.77 10.91
CA LEU B 130 -4.33 25.40 11.95
C LEU B 130 -5.04 26.62 12.53
N ARG B 131 -4.99 26.75 13.85
CA ARG B 131 -5.56 27.91 14.54
C ARG B 131 -4.52 29.03 14.50
N GLU B 132 -4.49 29.72 13.37
CA GLU B 132 -3.55 30.83 13.15
C GLU B 132 -4.23 31.88 12.29
N SER B 133 -3.63 33.08 12.28
CA SER B 133 -4.07 34.12 11.38
C SER B 133 -3.78 33.70 9.94
N PRO B 134 -4.49 34.28 8.96
CA PRO B 134 -4.23 33.91 7.56
C PRO B 134 -2.78 34.08 7.15
N LEU B 135 -2.12 35.15 7.58
CA LEU B 135 -0.68 35.26 7.35
C LEU B 135 0.06 34.17 8.12
N GLY B 136 -0.36 33.89 9.35
CA GLY B 136 0.23 32.78 10.09
C GLY B 136 0.02 31.45 9.40
N GLN B 137 -1.17 31.24 8.84
CA GLN B 137 -1.43 30.01 8.11
C GLN B 137 -0.55 29.88 6.89
N GLU B 138 -0.38 30.97 6.14
CA GLU B 138 0.47 30.91 4.95
C GLU B 138 1.93 30.70 5.32
N LYS B 139 2.39 31.33 6.41
CA LYS B 139 3.75 31.09 6.87
C LYS B 139 3.94 29.64 7.30
N ALA B 140 2.96 29.08 8.00
CA ALA B 140 3.03 27.68 8.39
C ALA B 140 3.06 26.77 7.17
N LEU B 141 2.27 27.11 6.14
CA LEU B 141 2.30 26.34 4.91
C LEU B 141 3.68 26.41 4.26
N GLU B 142 4.29 27.59 4.27
CA GLU B 142 5.63 27.72 3.69
C GLU B 142 6.64 26.87 4.45
N GLN B 143 6.57 26.88 5.79
CA GLN B 143 7.47 26.04 6.57
C GLN B 143 7.23 24.56 6.32
N ILE B 144 5.96 24.16 6.20
CA ILE B 144 5.64 22.76 5.93
C ILE B 144 6.19 22.35 4.58
N LEU B 145 6.06 23.21 3.57
CA LEU B 145 6.62 22.92 2.26
C LEU B 145 8.14 22.85 2.32
N GLU B 146 8.75 23.69 3.16
CA GLU B 146 10.20 23.64 3.34
C GLU B 146 10.62 22.30 3.93
N TYR B 147 9.88 21.81 4.91
CA TYR B 147 10.27 20.63 5.68
C TYR B 147 9.74 19.32 5.13
N GLU B 148 8.89 19.35 4.08
CA GLU B 148 8.33 18.10 3.56
C GLU B 148 9.42 17.15 3.07
N LEU B 149 10.30 17.65 2.21
CA LEU B 149 11.36 16.79 1.69
C LEU B 149 12.34 16.39 2.78
N LEU B 150 12.62 17.28 3.73
CA LEU B 150 13.47 16.92 4.85
C LEU B 150 12.88 15.78 5.66
N LEU B 151 11.59 15.86 5.97
CA LEU B 151 10.92 14.79 6.70
C LEU B 151 10.97 13.49 5.91
N ILE B 152 10.73 13.56 4.60
CA ILE B 152 10.78 12.35 3.79
C ILE B 152 12.17 11.75 3.79
N GLN B 153 13.20 12.59 3.69
CA GLN B 153 14.57 12.10 3.71
C GLN B 153 14.90 11.44 5.06
N GLN B 154 14.47 12.06 6.16
CA GLN B 154 14.77 11.52 7.48
C GLN B 154 14.02 10.22 7.76
N LEU B 155 12.85 10.03 7.11
CA LEU B 155 12.17 8.75 7.16
C LEU B 155 12.78 7.72 6.20
N ASN B 156 13.84 8.09 5.50
CA ASN B 156 14.49 7.23 4.52
C ASN B 156 13.52 6.76 3.44
N PHE B 157 12.56 7.63 3.11
CA PHE B 157 11.58 7.37 2.06
C PHE B 157 10.80 6.08 2.33
N HIS B 158 10.52 5.83 3.60
CA HIS B 158 9.71 4.70 4.05
C HIS B 158 8.40 5.31 4.55
N LEU B 159 7.41 5.39 3.66
CA LEU B 159 6.20 6.15 3.93
C LEU B 159 5.03 5.29 4.37
N ILE B 160 4.94 4.04 3.90
CA ILE B 160 3.84 3.18 4.31
C ILE B 160 4.06 2.75 5.75
N VAL B 161 3.09 3.01 6.61
CA VAL B 161 3.15 2.68 8.02
C VAL B 161 2.01 1.71 8.32
N HIS B 162 2.36 0.55 8.86
CA HIS B 162 1.37 -0.46 9.22
C HIS B 162 0.92 -0.19 10.66
N ASN B 163 -0.32 0.18 10.81
CA ASN B 163 -0.91 0.51 12.08
C ASN B 163 -1.57 -0.72 12.70
N PRO B 164 -1.79 -0.73 14.01
CA PRO B 164 -2.40 -1.90 14.65
C PRO B 164 -3.91 -2.03 14.45
N TYR B 165 -4.60 -1.05 13.87
CA TYR B 165 -6.07 -1.11 13.88
C TYR B 165 -6.64 -2.13 12.91
N ARG B 166 -6.07 -2.26 11.71
CA ARG B 166 -6.57 -3.32 10.83
C ARG B 166 -6.29 -4.70 11.42
N PRO B 167 -5.09 -4.96 11.95
CA PRO B 167 -4.90 -6.23 12.69
C PRO B 167 -5.87 -6.39 13.85
N PHE B 168 -6.23 -5.31 14.52
CA PHE B 168 -7.22 -5.37 15.58
C PHE B 168 -8.56 -5.86 15.04
N GLU B 169 -8.97 -5.31 13.90
CA GLU B 169 -10.23 -5.75 13.28
C GLU B 169 -10.16 -7.21 12.84
N GLY B 170 -9.01 -7.62 12.29
CA GLY B 170 -8.85 -9.01 11.90
C GLY B 170 -8.91 -9.96 13.08
N PHE B 171 -8.28 -9.57 14.19
CA PHE B 171 -8.36 -10.38 15.40
C PHE B 171 -9.78 -10.46 15.91
N LEU B 172 -10.53 -9.36 15.84
CA LEU B 172 -11.92 -9.39 16.28
C LEU B 172 -12.74 -10.34 15.40
N ILE B 173 -12.51 -10.31 14.10
CA ILE B 173 -13.19 -11.26 13.20
C ILE B 173 -12.83 -12.69 13.58
N ASP B 174 -11.55 -12.95 13.83
CA ASP B 174 -11.10 -14.31 14.16
C ASP B 174 -11.70 -14.77 15.49
N LEU B 175 -11.76 -13.90 16.48
CA LEU B 175 -12.37 -14.26 17.76
C LEU B 175 -13.86 -14.53 17.60
N LYS B 176 -14.54 -13.69 16.81
CA LYS B 176 -15.96 -13.92 16.56
C LYS B 176 -16.21 -15.24 15.86
N THR B 177 -15.28 -15.66 14.99
CA THR B 177 -15.48 -16.89 14.23
C THR B 177 -15.08 -18.13 15.03
N ARG B 178 -13.80 -18.21 15.41
CA ARG B 178 -13.20 -19.45 15.87
C ARG B 178 -13.06 -19.58 17.38
N TYR B 179 -13.54 -18.62 18.15
CA TYR B 179 -13.40 -18.65 19.61
C TYR B 179 -14.77 -18.46 20.25
N PRO B 180 -15.63 -19.49 20.20
CA PRO B 180 -16.96 -19.36 20.79
C PRO B 180 -16.95 -19.16 22.30
N ILE B 181 -15.89 -19.56 23.00
CA ILE B 181 -15.85 -19.40 24.46
C ILE B 181 -15.97 -17.93 24.81
N LEU B 182 -15.23 -17.07 24.13
CA LEU B 182 -15.40 -15.63 24.25
C LEU B 182 -16.67 -15.25 23.50
N GLU B 183 -17.73 -14.95 24.24
CA GLU B 183 -18.99 -14.52 23.65
C GLU B 183 -18.98 -13.02 23.45
N ASN B 184 -19.29 -12.59 22.22
CA ASN B 184 -19.35 -11.19 21.83
C ASN B 184 -17.99 -10.51 22.06
N PRO B 185 -17.00 -10.80 21.23
CA PRO B 185 -15.69 -10.12 21.38
C PRO B 185 -15.75 -8.61 21.27
N GLU B 186 -16.83 -8.04 20.73
CA GLU B 186 -16.93 -6.60 20.60
C GLU B 186 -16.92 -5.88 21.94
N ILE B 187 -17.30 -6.57 23.02
CA ILE B 187 -17.17 -6.00 24.36
C ILE B 187 -15.74 -5.59 24.65
N LEU B 188 -14.77 -6.30 24.07
CA LEU B 188 -13.37 -5.97 24.29
C LEU B 188 -12.91 -4.76 23.51
N ARG B 189 -13.72 -4.23 22.58
CA ARG B 189 -13.24 -3.20 21.67
C ARG B 189 -12.78 -1.94 22.41
N LYS B 190 -13.71 -1.23 23.05
CA LYS B 190 -13.40 0.10 23.55
C LYS B 190 -12.21 0.08 24.50
N THR B 191 -12.21 -0.82 25.48
CA THR B 191 -11.10 -0.89 26.42
C THR B 191 -9.81 -1.22 25.71
N ALA B 192 -9.84 -2.21 24.80
CA ALA B 192 -8.64 -2.49 24.02
C ALA B 192 -8.22 -1.26 23.24
N ASP B 193 -9.19 -0.56 22.63
CA ASP B 193 -8.89 0.69 21.96
C ASP B 193 -8.14 1.62 22.90
N ASP B 194 -8.68 1.79 24.11
CA ASP B 194 -8.02 2.63 25.11
C ASP B 194 -6.58 2.17 25.31
N PHE B 195 -6.39 0.88 25.56
CA PHE B 195 -5.05 0.38 25.77
C PHE B 195 -4.19 0.62 24.55
N LEU B 196 -4.76 0.41 23.36
CA LEU B 196 -4.05 0.69 22.13
C LEU B 196 -3.51 2.11 22.14
N ASN B 197 -4.37 3.08 22.49
CA ASN B 197 -3.93 4.46 22.54
C ASN B 197 -2.78 4.64 23.52
N ARG B 198 -2.89 4.02 24.69
CA ARG B 198 -1.80 4.11 25.66
C ARG B 198 -0.53 3.51 25.09
N ILE B 199 -0.67 2.37 24.40
CA ILE B 199 0.50 1.76 23.77
C ILE B 199 1.12 2.72 22.76
N ALA B 200 0.28 3.50 22.08
CA ALA B 200 0.78 4.44 21.09
C ALA B 200 1.64 5.53 21.72
N LEU B 201 1.46 5.81 23.02
CA LEU B 201 2.24 6.87 23.64
C LEU B 201 3.68 6.44 23.90
N THR B 202 3.91 5.16 24.15
CA THR B 202 5.23 4.64 24.44
C THR B 202 6.01 4.45 23.13
N ASP B 203 7.14 3.77 23.21
CA ASP B 203 7.95 3.45 22.05
C ASP B 203 7.61 2.09 21.45
N ALA B 204 6.52 1.47 21.89
CA ALA B 204 6.18 0.13 21.44
C ALA B 204 6.03 0.06 19.92
N TYR B 205 5.54 1.13 19.29
CA TYR B 205 5.35 1.13 17.85
C TYR B 205 6.67 0.96 17.12
N LEU B 206 7.77 1.34 17.75
CA LEU B 206 9.11 1.09 17.20
C LEU B 206 9.70 -0.22 17.71
N LEU B 207 9.02 -0.92 18.61
CA LEU B 207 9.58 -2.11 19.25
C LEU B 207 8.83 -3.40 18.96
N TYR B 208 7.60 -3.33 18.45
CA TYR B 208 6.79 -4.53 18.27
C TYR B 208 5.97 -4.41 16.99
N THR B 209 5.56 -5.57 16.49
CA THR B 209 4.75 -5.63 15.28
C THR B 209 3.34 -5.11 15.55
N PRO B 210 2.67 -4.55 14.54
CA PRO B 210 1.28 -4.11 14.75
C PRO B 210 0.35 -5.23 15.17
N SER B 211 0.57 -6.45 14.67
CA SER B 211 -0.22 -7.59 15.10
C SER B 211 -0.01 -7.86 16.58
N GLN B 212 1.24 -7.84 17.03
CA GLN B 212 1.52 -8.03 18.46
C GLN B 212 0.87 -6.95 19.29
N ILE B 213 0.90 -5.70 18.82
CA ILE B 213 0.32 -4.59 19.57
C ILE B 213 -1.20 -4.79 19.69
N ALA B 214 -1.85 -5.13 18.58
CA ALA B 214 -3.30 -5.34 18.60
C ALA B 214 -3.67 -6.51 19.51
N LEU B 215 -2.92 -7.61 19.43
CA LEU B 215 -3.21 -8.78 20.26
C LEU B 215 -2.98 -8.47 21.73
N THR B 216 -1.92 -7.74 22.05
CA THR B 216 -1.68 -7.34 23.43
C THR B 216 -2.81 -6.46 23.96
N ALA B 217 -3.29 -5.53 23.13
CA ALA B 217 -4.41 -4.69 23.55
C ALA B 217 -5.66 -5.53 23.80
N ILE B 218 -5.96 -6.47 22.90
CA ILE B 218 -7.15 -7.31 23.07
C ILE B 218 -7.03 -8.15 24.34
N LEU B 219 -5.87 -8.75 24.55
CA LEU B 219 -5.68 -9.61 25.71
C LEU B 219 -5.67 -8.82 27.02
N SER B 220 -5.14 -7.60 27.01
CA SER B 220 -5.26 -6.74 28.19
C SER B 220 -6.70 -6.38 28.47
N SER B 221 -7.48 -6.11 27.42
CA SER B 221 -8.91 -5.84 27.60
C SER B 221 -9.62 -7.06 28.18
N ALA B 222 -9.26 -8.26 27.71
CA ALA B 222 -9.85 -9.47 28.25
C ALA B 222 -9.48 -9.68 29.71
N SER B 223 -8.21 -9.47 30.05
CA SER B 223 -7.76 -9.63 31.42
C SER B 223 -8.41 -8.61 32.34
N ARG B 224 -8.69 -7.40 31.85
CA ARG B 224 -9.38 -6.40 32.66
C ARG B 224 -10.79 -6.85 33.01
N ALA B 225 -11.43 -7.63 32.14
CA ALA B 225 -12.78 -8.11 32.38
C ALA B 225 -12.81 -9.49 33.04
N GLY B 226 -11.65 -10.05 33.38
CA GLY B 226 -11.58 -11.37 33.94
C GLY B 226 -11.63 -12.49 32.94
N ILE B 227 -11.89 -12.20 31.66
CA ILE B 227 -11.94 -13.22 30.63
C ILE B 227 -10.52 -13.68 30.31
N THR B 228 -10.30 -14.98 30.36
CA THR B 228 -9.00 -15.58 30.07
C THR B 228 -9.09 -16.35 28.77
N MET B 229 -8.23 -16.00 27.80
CA MET B 229 -8.19 -16.70 26.52
C MET B 229 -6.77 -17.14 26.20
N GLU B 230 -6.13 -17.79 27.16
CA GLU B 230 -4.89 -18.48 26.85
C GLU B 230 -5.13 -19.61 25.86
N SER B 231 -6.35 -20.18 25.86
CA SER B 231 -6.69 -21.19 24.88
C SER B 231 -6.73 -20.64 23.47
N TYR B 232 -7.05 -19.35 23.31
CA TYR B 232 -7.02 -18.74 21.99
C TYR B 232 -5.64 -18.91 21.36
N LEU B 233 -4.59 -18.51 22.09
CA LEU B 233 -3.24 -18.69 21.59
C LEU B 233 -2.86 -20.16 21.53
N SER B 234 -3.24 -20.94 22.55
CA SER B 234 -2.85 -22.35 22.60
C SER B 234 -3.56 -23.16 21.52
N GLU B 235 -4.89 -23.10 21.48
CA GLU B 235 -5.67 -23.95 20.59
C GLU B 235 -5.98 -23.26 19.26
N SER B 236 -6.67 -22.13 19.31
CA SER B 236 -7.09 -21.48 18.07
C SER B 236 -5.90 -21.02 17.24
N LEU B 237 -4.89 -20.42 17.89
CA LEU B 237 -3.69 -20.05 17.15
C LEU B 237 -2.74 -21.23 16.95
N MET B 238 -3.04 -22.38 17.55
CA MET B 238 -2.32 -23.64 17.30
C MET B 238 -0.83 -23.52 17.63
N LEU B 239 -0.52 -22.88 18.77
CA LEU B 239 0.86 -22.79 19.23
C LEU B 239 1.19 -23.96 20.15
N LYS B 240 1.06 -25.17 19.58
CA LYS B 240 1.26 -26.41 20.33
C LYS B 240 2.60 -27.07 20.01
N GLU B 241 2.95 -27.19 18.73
CA GLU B 241 4.26 -27.73 18.38
C GLU B 241 5.38 -26.82 18.87
N ASN B 242 5.20 -25.51 18.74
CA ASN B 242 6.19 -24.53 19.16
C ASN B 242 5.75 -23.91 20.48
N ARG B 243 6.11 -24.56 21.59
CA ARG B 243 5.85 -23.98 22.90
C ARG B 243 6.69 -22.72 23.12
N THR B 244 7.91 -22.70 22.59
CA THR B 244 8.75 -21.52 22.70
C THR B 244 8.12 -20.32 21.98
N CYS B 245 7.37 -20.57 20.91
CA CYS B 245 6.66 -19.48 20.25
C CYS B 245 5.60 -18.88 21.15
N LEU B 246 4.85 -19.73 21.87
CA LEU B 246 3.87 -19.23 22.82
C LEU B 246 4.53 -18.45 23.94
N SER B 247 5.66 -18.96 24.47
CA SER B 247 6.36 -18.24 25.52
C SER B 247 6.87 -16.89 25.02
N GLN B 248 7.41 -16.86 23.80
CA GLN B 248 7.85 -15.62 23.19
C GLN B 248 6.71 -14.62 23.05
N LEU B 249 5.56 -15.10 22.57
CA LEU B 249 4.42 -14.19 22.45
C LEU B 249 4.02 -13.63 23.81
N LEU B 250 3.93 -14.51 24.82
CA LEU B 250 3.48 -14.06 26.14
C LEU B 250 4.45 -13.06 26.75
N ASP B 251 5.76 -13.26 26.56
CA ASP B 251 6.68 -12.28 27.13
C ASP B 251 6.72 -10.99 26.32
N ILE B 252 6.43 -11.05 25.01
CA ILE B 252 6.28 -9.82 24.24
C ILE B 252 5.11 -8.99 24.78
N MET B 253 3.97 -9.64 25.04
CA MET B 253 2.84 -8.91 25.63
C MET B 253 3.17 -8.40 27.03
N LYS B 254 3.89 -9.20 27.82
CA LYS B 254 4.30 -8.75 29.14
C LYS B 254 5.16 -7.50 29.04
N SER B 255 6.11 -7.47 28.09
CA SER B 255 6.96 -6.31 27.92
C SER B 255 6.17 -5.10 27.45
N MET B 256 5.17 -5.31 26.58
CA MET B 256 4.31 -4.20 26.18
C MET B 256 3.57 -3.62 27.38
N ARG B 257 3.01 -4.49 28.21
CA ARG B 257 2.29 -4.04 29.40
C ARG B 257 3.22 -3.31 30.36
N ASN B 258 4.46 -3.78 30.50
CA ASN B 258 5.44 -3.08 31.33
C ASN B 258 5.76 -1.71 30.77
N LEU B 259 5.92 -1.61 29.43
CA LEU B 259 6.18 -0.31 28.81
C LEU B 259 5.05 0.66 29.09
N VAL B 260 3.80 0.18 29.00
CA VAL B 260 2.67 1.05 29.30
C VAL B 260 2.67 1.43 30.79
N LYS B 261 3.05 0.49 31.66
CA LYS B 261 3.08 0.79 33.09
C LYS B 261 4.11 1.86 33.41
N LYS B 262 5.31 1.77 32.83
CA LYS B 262 6.39 2.68 33.17
C LYS B 262 6.27 4.04 32.48
N TYR B 263 5.35 4.20 31.54
CA TYR B 263 5.19 5.48 30.87
C TYR B 263 4.67 6.55 31.82
N GLU B 264 5.27 7.73 31.76
CA GLU B 264 4.83 8.85 32.57
C GLU B 264 4.59 10.05 31.65
N PRO B 265 3.41 10.66 31.70
CA PRO B 265 3.14 11.79 30.81
C PRO B 265 3.99 12.98 31.17
N PRO B 266 4.31 13.85 30.20
CA PRO B 266 5.07 15.06 30.50
C PRO B 266 4.28 15.98 31.44
N ARG B 267 5.02 16.66 32.31
CA ARG B 267 4.42 17.58 33.28
C ARG B 267 4.41 19.00 32.72
N SER B 268 3.31 19.71 33.00
CA SER B 268 3.07 21.00 32.35
C SER B 268 4.17 22.01 32.66
N GLU B 269 4.57 22.11 33.92
CA GLU B 269 5.62 23.07 34.29
C GLU B 269 6.95 22.69 33.68
N GLU B 270 7.30 21.41 33.71
CA GLU B 270 8.52 20.94 33.06
C GLU B 270 8.46 21.19 31.56
N VAL B 271 7.30 20.95 30.95
CA VAL B 271 7.16 21.22 29.52
C VAL B 271 7.34 22.71 29.24
N ALA B 272 6.82 23.57 30.11
CA ALA B 272 6.96 25.01 29.90
C ALA B 272 8.43 25.44 29.95
N VAL B 273 9.17 24.95 30.94
CA VAL B 273 10.57 25.36 31.04
C VAL B 273 11.39 24.78 29.90
N LEU B 274 11.09 23.54 29.49
CA LEU B 274 11.80 22.96 28.35
C LEU B 274 11.44 23.64 27.04
N LYS B 275 10.19 24.13 26.92
CA LYS B 275 9.79 24.88 25.74
C LYS B 275 10.52 26.21 25.67
N GLN B 276 10.67 26.89 26.82
CA GLN B 276 11.46 28.11 26.83
C GLN B 276 12.91 27.84 26.43
N LYS B 277 13.48 26.74 26.95
CA LYS B 277 14.83 26.36 26.57
C LYS B 277 14.92 26.10 25.07
N LEU B 278 13.94 25.39 24.51
CA LEU B 278 13.93 25.11 23.08
C LEU B 278 13.83 26.39 22.26
N GLU B 279 13.03 27.34 22.72
CA GLU B 279 12.94 28.62 22.03
C GLU B 279 14.28 29.35 22.02
N ARG B 280 14.99 29.35 23.16
CA ARG B 280 16.33 29.95 23.13
C ARG B 280 17.23 29.21 22.16
N CYS B 281 17.17 27.88 22.15
CA CYS B 281 17.98 27.09 21.22
C CYS B 281 17.68 27.46 19.78
N HIS B 282 16.42 27.76 19.47
CA HIS B 282 16.03 28.09 18.11
C HIS B 282 16.20 29.56 17.77
N SER B 283 16.53 30.40 18.75
CA SER B 283 16.91 31.78 18.43
C SER B 283 18.17 31.81 17.57
N ALA B 284 19.17 30.99 17.92
CA ALA B 284 20.42 30.92 17.16
C ALA B 284 20.71 29.49 16.76
N GLU B 285 21.93 29.24 16.27
CA GLU B 285 22.38 27.90 15.90
C GLU B 285 21.45 27.24 14.87
N LYS C 13 24.80 14.90 -6.50
CA LYS C 13 24.24 13.55 -6.45
C LYS C 13 25.22 12.54 -7.04
N ARG C 14 24.94 11.26 -6.85
CA ARG C 14 25.80 10.17 -7.29
C ARG C 14 25.48 9.68 -8.70
N TYR C 15 24.59 10.38 -9.41
CA TYR C 15 24.21 10.01 -10.76
C TYR C 15 24.59 11.13 -11.74
N GLU C 16 24.99 10.73 -12.94
CA GLU C 16 25.34 11.65 -14.00
C GLU C 16 24.35 11.51 -15.14
N LYS C 17 23.74 12.64 -15.54
CA LYS C 17 22.76 12.62 -16.61
C LYS C 17 23.40 12.13 -17.91
N LEU C 18 22.72 11.20 -18.59
CA LEU C 18 23.24 10.57 -19.80
C LEU C 18 22.41 10.91 -21.03
N ASP C 19 21.10 10.74 -20.96
CA ASP C 19 20.24 10.92 -22.13
C ASP C 19 18.97 11.63 -21.68
N PHE C 20 18.02 11.76 -22.61
CA PHE C 20 16.67 12.23 -22.33
C PHE C 20 15.72 11.16 -22.85
N LEU C 21 15.01 10.50 -21.92
CA LEU C 21 14.18 9.37 -22.29
C LEU C 21 12.77 9.76 -22.72
N GLY C 22 12.26 10.88 -22.23
CA GLY C 22 10.95 11.33 -22.66
C GLY C 22 10.35 12.29 -21.66
N GLU C 23 9.17 12.80 -22.04
CA GLU C 23 8.41 13.74 -21.24
C GLU C 23 7.07 13.12 -20.89
N GLY C 24 6.67 13.24 -19.63
CA GLY C 24 5.42 12.66 -19.17
C GLY C 24 4.42 13.68 -18.70
N GLN C 25 3.30 13.20 -18.14
CA GLN C 25 2.29 14.10 -17.62
C GLN C 25 2.76 14.79 -16.35
N PHE C 26 3.49 14.07 -15.49
CA PHE C 26 3.90 14.60 -14.20
C PHE C 26 5.41 14.70 -14.02
N ALA C 27 6.20 14.22 -14.98
CA ALA C 27 7.65 14.21 -14.81
C ALA C 27 8.33 13.94 -16.15
N THR C 28 9.61 14.29 -16.21
CA THR C 28 10.47 13.93 -17.33
C THR C 28 11.49 12.90 -16.85
N VAL C 29 11.95 12.07 -17.79
CA VAL C 29 12.78 10.90 -17.47
C VAL C 29 14.10 11.02 -18.22
N TYR C 30 15.20 10.79 -17.50
CA TYR C 30 16.54 10.76 -18.07
C TYR C 30 17.21 9.43 -17.79
N LYS C 31 18.20 9.11 -18.62
CA LYS C 31 19.10 8.00 -18.38
C LYS C 31 20.30 8.49 -17.58
N ALA C 32 20.82 7.64 -16.70
CA ALA C 32 21.90 8.06 -15.81
C ALA C 32 22.73 6.85 -15.41
N ARG C 33 23.89 7.12 -14.81
CA ARG C 33 24.74 6.07 -14.27
C ARG C 33 24.82 6.20 -12.75
N ILE C 40 23.31 1.39 -14.80
CA ILE C 40 22.46 2.32 -15.54
C ILE C 40 21.07 2.39 -14.91
N VAL C 41 20.59 3.62 -14.70
CA VAL C 41 19.31 3.85 -14.04
C VAL C 41 18.51 4.86 -14.86
N ALA C 42 17.22 4.90 -14.59
CA ALA C 42 16.32 5.90 -15.14
C ALA C 42 15.83 6.78 -14.01
N ILE C 43 15.98 8.09 -14.17
CA ILE C 43 15.61 9.06 -13.16
C ILE C 43 14.40 9.84 -13.65
N LYS C 44 13.35 9.84 -12.84
CA LYS C 44 12.06 10.46 -13.16
C LYS C 44 11.92 11.68 -12.26
N LYS C 45 12.03 12.87 -12.84
CA LYS C 45 11.96 14.12 -12.08
C LYS C 45 10.53 14.63 -12.01
N LYS C 55 1.53 25.42 -4.17
CA LYS C 55 1.30 25.30 -2.73
C LYS C 55 0.96 23.87 -2.34
N ASP C 56 0.84 23.00 -3.34
CA ASP C 56 0.46 21.61 -3.06
C ASP C 56 1.59 20.82 -2.41
N GLY C 57 2.83 21.14 -2.75
CA GLY C 57 3.97 20.42 -2.20
C GLY C 57 4.54 19.39 -3.13
N ILE C 58 5.13 18.33 -2.56
CA ILE C 58 5.70 17.28 -3.38
C ILE C 58 4.60 16.58 -4.16
N ASN C 59 4.87 16.28 -5.43
CA ASN C 59 3.87 15.74 -6.33
C ASN C 59 3.30 14.42 -5.81
N ARG C 60 1.98 14.30 -5.81
CA ARG C 60 1.31 13.14 -5.25
C ARG C 60 1.61 11.87 -6.05
N THR C 61 1.76 11.98 -7.37
CA THR C 61 2.10 10.81 -8.17
C THR C 61 3.47 10.25 -7.79
N ALA C 62 4.45 11.13 -7.58
CA ALA C 62 5.77 10.70 -7.14
C ALA C 62 5.71 10.05 -5.76
N LEU C 63 4.92 10.63 -4.85
CA LEU C 63 4.79 10.06 -3.51
C LEU C 63 4.12 8.69 -3.58
N ARG C 64 3.12 8.53 -4.43
CA ARG C 64 2.45 7.25 -4.60
C ARG C 64 3.43 6.20 -5.12
N GLU C 65 4.21 6.56 -6.14
CA GLU C 65 5.22 5.64 -6.65
C GLU C 65 6.22 5.25 -5.56
N ILE C 66 6.71 6.23 -4.80
CA ILE C 66 7.71 5.96 -3.77
C ILE C 66 7.13 5.01 -2.72
N LYS C 67 5.97 5.37 -2.17
CA LYS C 67 5.41 4.60 -1.06
C LYS C 67 5.02 3.20 -1.48
N LEU C 68 4.55 3.01 -2.72
CA LEU C 68 4.16 1.68 -3.13
C LEU C 68 5.38 0.83 -3.48
N LEU C 69 6.31 1.37 -4.27
CA LEU C 69 7.44 0.56 -4.72
C LEU C 69 8.48 0.33 -3.64
N GLN C 70 8.43 1.09 -2.54
CA GLN C 70 9.32 0.78 -1.42
C GLN C 70 8.89 -0.49 -0.70
N GLU C 71 7.59 -0.78 -0.69
CA GLU C 71 7.05 -1.95 0.01
C GLU C 71 6.94 -3.18 -0.88
N LEU C 72 7.38 -3.10 -2.13
CA LEU C 72 7.22 -4.20 -3.07
C LEU C 72 8.57 -4.64 -3.60
N SER C 73 8.76 -5.96 -3.69
CA SER C 73 10.02 -6.52 -4.16
C SER C 73 9.70 -7.80 -4.93
N HIS C 74 9.71 -7.72 -6.25
CA HIS C 74 9.38 -8.84 -7.11
C HIS C 74 10.06 -8.64 -8.45
N PRO C 75 10.50 -9.72 -9.11
CA PRO C 75 11.20 -9.55 -10.39
C PRO C 75 10.36 -8.90 -11.48
N ASN C 76 9.05 -9.04 -11.44
CA ASN C 76 8.18 -8.47 -12.47
C ASN C 76 7.50 -7.18 -12.03
N ILE C 77 8.09 -6.49 -11.06
CA ILE C 77 7.62 -5.17 -10.64
C ILE C 77 8.82 -4.24 -10.67
N ILE C 78 8.63 -3.04 -11.24
CA ILE C 78 9.75 -2.12 -11.44
C ILE C 78 10.39 -1.79 -10.09
N GLY C 79 11.71 -1.83 -10.06
CA GLY C 79 12.43 -1.59 -8.82
C GLY C 79 12.77 -0.12 -8.61
N LEU C 80 12.35 0.42 -7.46
CA LEU C 80 12.70 1.79 -7.08
C LEU C 80 14.04 1.74 -6.36
N LEU C 81 15.11 2.12 -7.05
CA LEU C 81 16.44 2.04 -6.48
C LEU C 81 16.70 3.17 -5.48
N ASP C 82 16.22 4.37 -5.76
CA ASP C 82 16.55 5.51 -4.92
C ASP C 82 15.48 6.58 -5.08
N ALA C 83 15.54 7.58 -4.20
CA ALA C 83 14.68 8.75 -4.31
C ALA C 83 15.35 9.93 -3.60
N PHE C 84 15.37 11.08 -4.26
CA PHE C 84 15.98 12.28 -3.69
C PHE C 84 15.23 13.50 -4.20
N GLY C 85 15.81 14.67 -4.03
CA GLY C 85 15.22 15.88 -4.57
C GLY C 85 15.78 17.12 -3.88
N HIS C 86 15.11 18.24 -4.16
CA HIS C 86 15.47 19.52 -3.54
C HIS C 86 14.20 20.33 -3.36
N LYS C 87 13.99 20.84 -2.14
CA LYS C 87 12.81 21.62 -1.80
C LYS C 87 11.53 20.86 -2.17
N SER C 88 10.81 21.37 -3.17
CA SER C 88 9.55 20.76 -3.59
C SER C 88 9.67 19.93 -4.85
N ASN C 89 10.85 19.82 -5.45
CA ASN C 89 11.03 18.92 -6.59
C ASN C 89 11.67 17.62 -6.12
N ILE C 90 11.29 16.52 -6.77
CA ILE C 90 11.64 15.18 -6.33
C ILE C 90 12.00 14.34 -7.54
N SER C 91 13.01 13.48 -7.38
CA SER C 91 13.47 12.58 -8.42
C SER C 91 13.46 11.15 -7.90
N LEU C 92 12.98 10.23 -8.73
CA LEU C 92 12.89 8.82 -8.39
C LEU C 92 13.81 8.04 -9.31
N VAL C 93 14.63 7.17 -8.75
CA VAL C 93 15.64 6.42 -9.49
C VAL C 93 15.19 4.96 -9.56
N PHE C 94 14.82 4.52 -10.77
CA PHE C 94 14.47 3.14 -11.06
C PHE C 94 15.57 2.51 -11.91
N ASP C 95 15.45 1.20 -12.10
CA ASP C 95 16.32 0.52 -13.04
C ASP C 95 15.94 0.91 -14.47
N PHE C 96 16.93 0.90 -15.36
CA PHE C 96 16.71 1.31 -16.74
C PHE C 96 16.08 0.19 -17.54
N MET C 97 15.01 0.51 -18.26
CA MET C 97 14.19 -0.47 -18.95
C MET C 97 14.44 -0.33 -20.44
N GLU C 98 14.67 -1.45 -21.14
CA GLU C 98 15.06 -1.37 -22.54
C GLU C 98 13.91 -0.87 -23.42
N THR C 99 12.72 -1.45 -23.26
CA THR C 99 11.58 -1.12 -24.10
C THR C 99 10.30 -1.44 -23.33
N ASP C 100 9.18 -1.46 -24.05
CA ASP C 100 7.90 -1.81 -23.47
C ASP C 100 7.09 -2.63 -24.48
N LEU C 101 5.96 -3.15 -24.03
CA LEU C 101 5.15 -4.00 -24.87
C LEU C 101 4.50 -3.23 -26.01
N GLU C 102 4.30 -1.92 -25.85
CA GLU C 102 3.69 -1.13 -26.92
C GLU C 102 4.58 -1.10 -28.15
N VAL C 103 5.88 -0.90 -27.95
CA VAL C 103 6.82 -0.90 -29.08
C VAL C 103 6.89 -2.28 -29.72
N ILE C 104 6.83 -3.34 -28.90
CA ILE C 104 6.84 -4.70 -29.44
C ILE C 104 5.61 -4.93 -30.31
N ILE C 105 4.44 -4.56 -29.80
CA ILE C 105 3.19 -4.78 -30.52
C ILE C 105 3.19 -3.99 -31.83
N LYS C 106 3.59 -2.71 -31.75
CA LYS C 106 3.55 -1.84 -32.92
C LYS C 106 4.66 -2.12 -33.92
N ASP C 107 5.70 -2.86 -33.54
CA ASP C 107 6.80 -3.17 -34.45
C ASP C 107 6.35 -4.23 -35.44
N ASN C 108 6.06 -3.80 -36.68
CA ASN C 108 5.55 -4.73 -37.69
C ASN C 108 6.57 -5.79 -38.09
N SER C 109 7.84 -5.59 -37.77
CA SER C 109 8.90 -6.52 -38.15
C SER C 109 9.14 -7.60 -37.11
N LEU C 110 8.36 -7.64 -36.04
CA LEU C 110 8.50 -8.66 -35.00
C LEU C 110 7.38 -9.69 -35.15
N VAL C 111 7.76 -10.93 -35.40
CA VAL C 111 6.80 -12.03 -35.43
C VAL C 111 6.54 -12.47 -33.99
N LEU C 112 5.31 -12.30 -33.53
CA LEU C 112 4.94 -12.62 -32.15
C LEU C 112 4.38 -14.04 -32.13
N THR C 113 5.25 -14.99 -31.83
CA THR C 113 4.86 -16.39 -31.76
C THR C 113 3.97 -16.63 -30.54
N PRO C 114 3.21 -17.73 -30.53
CA PRO C 114 2.43 -18.05 -29.32
C PRO C 114 3.28 -18.18 -28.08
N SER C 115 4.53 -18.65 -28.22
CA SER C 115 5.41 -18.77 -27.07
C SER C 115 5.82 -17.41 -26.52
N HIS C 116 6.12 -16.46 -27.40
CA HIS C 116 6.42 -15.10 -26.94
C HIS C 116 5.23 -14.50 -26.22
N ILE C 117 4.03 -14.68 -26.77
CA ILE C 117 2.82 -14.18 -26.15
C ILE C 117 2.63 -14.81 -24.77
N LYS C 118 2.83 -16.13 -24.69
CA LYS C 118 2.69 -16.81 -23.41
C LYS C 118 3.70 -16.29 -22.39
N ALA C 119 4.93 -16.04 -22.83
CA ALA C 119 5.95 -15.52 -21.91
C ALA C 119 5.58 -14.14 -21.40
N TYR C 120 5.12 -13.26 -22.30
CA TYR C 120 4.70 -11.92 -21.88
C TYR C 120 3.55 -12.00 -20.89
N MET C 121 2.54 -12.81 -21.21
CA MET C 121 1.40 -12.95 -20.31
C MET C 121 1.81 -13.56 -18.98
N LEU C 122 2.75 -14.51 -19.02
CA LEU C 122 3.19 -15.18 -17.80
C LEU C 122 3.89 -14.20 -16.86
N MET C 123 4.84 -13.43 -17.38
CA MET C 123 5.51 -12.45 -16.53
C MET C 123 4.54 -11.39 -16.04
N THR C 124 3.67 -10.90 -16.92
CA THR C 124 2.68 -9.91 -16.51
C THR C 124 1.81 -10.46 -15.39
N LEU C 125 1.37 -11.70 -15.51
CA LEU C 125 0.47 -12.29 -14.53
C LEU C 125 1.19 -12.63 -13.23
N GLN C 126 2.47 -12.99 -13.28
CA GLN C 126 3.22 -13.23 -12.05
C GLN C 126 3.43 -11.93 -11.29
N GLY C 127 3.82 -10.87 -11.99
CA GLY C 127 3.90 -9.57 -11.34
C GLY C 127 2.57 -9.13 -10.78
N LEU C 128 1.50 -9.34 -11.54
CA LEU C 128 0.16 -8.97 -11.08
C LEU C 128 -0.27 -9.79 -9.88
N GLU C 129 0.07 -11.09 -9.87
CA GLU C 129 -0.25 -11.94 -8.73
C GLU C 129 0.44 -11.42 -7.49
N TYR C 130 1.75 -11.17 -7.58
CA TYR C 130 2.48 -10.63 -6.43
C TYR C 130 1.87 -9.31 -5.98
N LEU C 131 1.55 -8.43 -6.92
CA LEU C 131 0.96 -7.13 -6.58
C LEU C 131 -0.38 -7.31 -5.88
N HIS C 132 -1.18 -8.27 -6.33
CA HIS C 132 -2.51 -8.49 -5.78
C HIS C 132 -2.46 -9.15 -4.40
N GLN C 133 -1.51 -10.04 -4.14
CA GLN C 133 -1.37 -10.59 -2.79
C GLN C 133 -1.10 -9.50 -1.78
N HIS C 134 -0.32 -8.49 -2.16
CA HIS C 134 -0.05 -7.34 -1.32
C HIS C 134 -1.13 -6.28 -1.43
N TRP C 135 -2.27 -6.63 -2.02
CA TRP C 135 -3.47 -5.80 -1.99
C TRP C 135 -3.25 -4.45 -2.67
N ILE C 136 -2.67 -4.48 -3.86
CA ILE C 136 -2.43 -3.28 -4.65
C ILE C 136 -2.93 -3.52 -6.07
N LEU C 137 -3.70 -2.57 -6.60
CA LEU C 137 -4.15 -2.58 -7.99
C LEU C 137 -3.30 -1.62 -8.81
N HIS C 138 -2.84 -2.07 -9.98
CA HIS C 138 -2.03 -1.21 -10.83
C HIS C 138 -2.87 -0.09 -11.43
N ARG C 139 -4.03 -0.43 -12.00
CA ARG C 139 -5.02 0.51 -12.51
C ARG C 139 -4.55 1.32 -13.71
N ASP C 140 -3.38 1.02 -14.26
CA ASP C 140 -2.91 1.69 -15.46
C ASP C 140 -2.22 0.70 -16.38
N LEU C 141 -2.75 -0.51 -16.48
CA LEU C 141 -2.12 -1.56 -17.26
C LEU C 141 -2.35 -1.30 -18.75
N LYS C 142 -1.26 -1.18 -19.49
CA LYS C 142 -1.30 -1.05 -20.94
C LYS C 142 0.08 -1.42 -21.48
N PRO C 143 0.19 -1.75 -22.76
CA PRO C 143 1.47 -2.24 -23.27
C PRO C 143 2.64 -1.30 -23.02
N ASN C 144 2.42 0.01 -23.02
CA ASN C 144 3.52 0.93 -22.73
C ASN C 144 3.89 0.98 -21.25
N ASN C 145 3.06 0.44 -20.37
CA ASN C 145 3.37 0.35 -18.95
C ASN C 145 3.97 -0.99 -18.55
N LEU C 146 4.15 -1.90 -19.51
CA LEU C 146 4.78 -3.20 -19.26
C LEU C 146 6.16 -3.12 -19.90
N LEU C 147 7.15 -2.76 -19.09
CA LEU C 147 8.48 -2.48 -19.61
C LEU C 147 9.33 -3.75 -19.64
N LEU C 148 10.28 -3.78 -20.58
CA LEU C 148 11.16 -4.92 -20.77
C LEU C 148 12.61 -4.45 -20.68
N ASP C 149 13.46 -5.24 -20.01
CA ASP C 149 14.87 -4.93 -19.94
C ASP C 149 15.64 -5.77 -20.95
N GLU C 150 16.96 -5.57 -20.96
CA GLU C 150 17.83 -6.31 -21.88
C GLU C 150 17.88 -7.79 -21.58
N ASN C 151 17.40 -8.23 -20.42
CA ASN C 151 17.35 -9.63 -20.06
C ASN C 151 15.98 -10.25 -20.32
N GLY C 152 15.07 -9.51 -20.94
CA GLY C 152 13.76 -10.04 -21.26
C GLY C 152 12.84 -10.22 -20.07
N VAL C 153 13.04 -9.46 -19.01
CA VAL C 153 12.21 -9.53 -17.82
C VAL C 153 11.15 -8.43 -17.90
N LEU C 154 9.89 -8.83 -17.96
CA LEU C 154 8.79 -7.87 -18.01
C LEU C 154 8.49 -7.38 -16.61
N LYS C 155 8.42 -6.06 -16.45
CA LYS C 155 8.10 -5.44 -15.17
C LYS C 155 6.95 -4.47 -15.36
N LEU C 156 5.98 -4.54 -14.45
CA LEU C 156 4.95 -3.52 -14.38
C LEU C 156 5.55 -2.22 -13.87
N ALA C 157 5.26 -1.13 -14.56
CA ALA C 157 5.79 0.18 -14.20
C ALA C 157 4.65 1.19 -14.16
N ASP C 158 5.02 2.45 -13.89
CA ASP C 158 4.08 3.57 -13.83
C ASP C 158 3.01 3.31 -12.77
N PHE C 159 3.45 3.24 -11.53
CA PHE C 159 2.55 3.06 -10.39
C PHE C 159 1.94 4.36 -9.91
N GLY C 160 1.96 5.40 -10.74
CA GLY C 160 1.38 6.68 -10.38
C GLY C 160 -0.13 6.66 -10.24
N LEU C 161 -0.78 5.61 -10.75
CA LEU C 161 -2.20 5.41 -10.54
C LEU C 161 -2.51 4.21 -9.65
N ALA C 162 -1.50 3.45 -9.27
CA ALA C 162 -1.70 2.26 -8.45
C ALA C 162 -2.24 2.64 -7.07
N LYS C 163 -3.09 1.77 -6.53
CA LYS C 163 -3.72 2.01 -5.25
C LYS C 163 -3.97 0.69 -4.55
N SER C 164 -4.02 0.74 -3.22
CA SER C 164 -4.34 -0.44 -2.44
C SER C 164 -5.83 -0.72 -2.48
N PHE C 165 -6.20 -1.99 -2.47
CA PHE C 165 -7.59 -2.41 -2.48
C PHE C 165 -7.80 -3.44 -1.37
N GLY C 166 -9.07 -3.77 -1.15
CA GLY C 166 -9.46 -4.70 -0.11
C GLY C 166 -9.97 -4.06 1.15
N SER C 167 -10.10 -2.75 1.20
CA SER C 167 -10.68 -2.04 2.32
C SER C 167 -11.93 -1.31 1.86
N PRO C 168 -13.09 -1.55 2.48
CA PRO C 168 -14.32 -0.90 2.01
C PRO C 168 -14.28 0.62 2.07
N ASN C 169 -13.59 1.18 3.06
CA ASN C 169 -13.49 2.63 3.21
C ASN C 169 -12.28 3.17 2.44
N ARG C 170 -12.28 2.89 1.12
CA ARG C 170 -11.22 3.36 0.22
C ARG C 170 -11.91 3.80 -1.06
N ALA C 171 -12.14 5.11 -1.18
CA ALA C 171 -12.81 5.65 -2.36
C ALA C 171 -11.92 5.53 -3.58
N TYR C 172 -12.47 4.98 -4.66
CA TYR C 172 -11.77 4.82 -5.92
C TYR C 172 -12.31 5.80 -6.95
N THR C 173 -11.56 5.94 -8.04
CA THR C 173 -11.99 6.72 -9.19
C THR C 173 -12.26 5.77 -10.35
N HIS C 174 -13.45 5.88 -10.95
CA HIS C 174 -13.79 5.04 -12.08
C HIS C 174 -13.08 5.50 -13.36
N GLN C 175 -12.62 6.74 -13.42
CA GLN C 175 -11.89 7.24 -14.57
C GLN C 175 -10.43 6.85 -14.50
N VAL C 176 -10.15 5.56 -14.28
CA VAL C 176 -8.80 5.03 -14.27
C VAL C 176 -8.67 4.06 -15.44
N VAL C 177 -7.42 3.68 -15.73
CA VAL C 177 -7.06 2.83 -16.85
C VAL C 177 -7.33 3.58 -18.16
N THR C 178 -6.39 3.50 -19.10
CA THR C 178 -6.61 4.05 -20.43
C THR C 178 -7.86 3.45 -21.04
N ARG C 179 -8.57 4.25 -21.85
CA ARG C 179 -9.91 3.88 -22.29
C ARG C 179 -9.91 2.57 -23.07
N TRP C 180 -8.91 2.37 -23.92
CA TRP C 180 -8.86 1.15 -24.73
C TRP C 180 -8.67 -0.11 -23.90
N TYR C 181 -8.31 0.03 -22.63
CA TYR C 181 -8.08 -1.09 -21.73
C TYR C 181 -8.96 -1.03 -20.50
N ARG C 182 -9.87 -0.06 -20.43
CA ARG C 182 -10.75 0.08 -19.29
C ARG C 182 -11.81 -1.03 -19.29
N ALA C 183 -12.08 -1.56 -18.11
CA ALA C 183 -13.05 -2.62 -17.93
C ALA C 183 -14.47 -2.05 -17.96
N PRO C 184 -15.44 -2.85 -18.41
CA PRO C 184 -16.82 -2.34 -18.48
C PRO C 184 -17.36 -1.88 -17.14
N GLU C 185 -16.99 -2.53 -16.03
CA GLU C 185 -17.44 -2.05 -14.72
C GLU C 185 -16.93 -0.65 -14.46
N LEU C 186 -15.70 -0.36 -14.86
CA LEU C 186 -15.20 1.01 -14.78
C LEU C 186 -15.95 1.93 -15.73
N LEU C 187 -16.13 1.49 -16.97
CA LEU C 187 -16.84 2.30 -17.97
C LEU C 187 -18.29 2.52 -17.59
N PHE C 188 -18.86 1.64 -16.75
CA PHE C 188 -20.17 1.90 -16.18
C PHE C 188 -20.09 2.63 -14.85
N GLY C 189 -18.88 3.00 -14.41
CA GLY C 189 -18.72 3.86 -13.26
C GLY C 189 -18.60 3.19 -11.92
N ALA C 190 -17.96 2.02 -11.85
CA ALA C 190 -17.75 1.36 -10.57
C ALA C 190 -16.73 2.15 -9.75
N ARG C 191 -17.14 2.59 -8.56
CA ARG C 191 -16.23 3.22 -7.61
C ARG C 191 -15.66 2.24 -6.60
N MET C 192 -16.12 0.99 -6.61
CA MET C 192 -15.51 -0.08 -5.84
C MET C 192 -15.26 -1.24 -6.79
N TYR C 193 -14.02 -1.71 -6.84
CA TYR C 193 -13.65 -2.79 -7.73
C TYR C 193 -12.45 -3.52 -7.14
N GLY C 194 -12.13 -4.65 -7.76
CA GLY C 194 -11.01 -5.44 -7.30
C GLY C 194 -10.01 -5.69 -8.41
N VAL C 195 -9.40 -6.88 -8.41
CA VAL C 195 -8.40 -7.22 -9.41
C VAL C 195 -8.96 -7.25 -10.82
N GLY C 196 -10.29 -7.21 -10.96
CA GLY C 196 -10.90 -7.33 -12.28
C GLY C 196 -10.48 -6.25 -13.26
N VAL C 197 -10.19 -5.04 -12.75
CA VAL C 197 -9.75 -3.97 -13.64
C VAL C 197 -8.41 -4.33 -14.29
N ASP C 198 -7.46 -4.81 -13.49
CA ASP C 198 -6.17 -5.22 -14.02
C ASP C 198 -6.32 -6.43 -14.93
N MET C 199 -7.19 -7.38 -14.57
CA MET C 199 -7.38 -8.56 -15.40
C MET C 199 -8.00 -8.22 -16.75
N TRP C 200 -8.97 -7.30 -16.77
CA TRP C 200 -9.55 -6.89 -18.05
C TRP C 200 -8.53 -6.15 -18.90
N ALA C 201 -7.71 -5.29 -18.27
CA ALA C 201 -6.63 -4.66 -19.01
C ALA C 201 -5.66 -5.70 -19.55
N VAL C 202 -5.42 -6.76 -18.78
CA VAL C 202 -4.54 -7.83 -19.22
C VAL C 202 -5.15 -8.57 -20.41
N GLY C 203 -6.46 -8.77 -20.40
CA GLY C 203 -7.13 -9.36 -21.54
C GLY C 203 -7.03 -8.48 -22.78
N CYS C 204 -7.19 -7.18 -22.60
CA CYS C 204 -7.03 -6.25 -23.72
C CYS C 204 -5.60 -6.28 -24.25
N ILE C 205 -4.61 -6.38 -23.36
CA ILE C 205 -3.22 -6.47 -23.79
C ILE C 205 -2.97 -7.76 -24.55
N LEU C 206 -3.55 -8.87 -24.08
CA LEU C 206 -3.45 -10.14 -24.78
C LEU C 206 -4.06 -10.05 -26.17
N ALA C 207 -5.24 -9.42 -26.28
CA ALA C 207 -5.86 -9.24 -27.58
C ALA C 207 -5.01 -8.36 -28.49
N GLU C 208 -4.38 -7.33 -27.92
CA GLU C 208 -3.47 -6.49 -28.69
C GLU C 208 -2.28 -7.29 -29.20
N LEU C 209 -1.72 -8.15 -28.35
CA LEU C 209 -0.59 -8.98 -28.77
C LEU C 209 -1.01 -9.94 -29.87
N LEU C 210 -2.26 -10.44 -29.81
CA LEU C 210 -2.71 -11.39 -30.82
C LEU C 210 -3.03 -10.70 -32.15
N LEU C 211 -3.63 -9.52 -32.10
CA LEU C 211 -4.08 -8.81 -33.29
C LEU C 211 -3.13 -7.71 -33.76
N ARG C 212 -2.14 -7.34 -32.94
CA ARG C 212 -1.16 -6.30 -33.26
C ARG C 212 -1.79 -4.92 -33.37
N VAL C 213 -3.07 -4.80 -33.06
CA VAL C 213 -3.76 -3.51 -33.03
C VAL C 213 -4.58 -3.45 -31.74
N PRO C 214 -4.90 -2.25 -31.28
CA PRO C 214 -5.77 -2.13 -30.09
C PRO C 214 -7.07 -2.88 -30.29
N PHE C 215 -7.44 -3.67 -29.28
CA PHE C 215 -8.62 -4.53 -29.40
C PHE C 215 -9.88 -3.71 -29.58
N LEU C 216 -10.11 -2.75 -28.69
CA LEU C 216 -11.34 -1.96 -28.66
C LEU C 216 -10.97 -0.48 -28.64
N PRO C 217 -10.54 0.06 -29.77
CA PRO C 217 -10.07 1.47 -29.80
C PRO C 217 -11.22 2.47 -29.91
N GLY C 218 -11.93 2.65 -28.80
CA GLY C 218 -13.03 3.59 -28.77
C GLY C 218 -12.55 5.03 -28.73
N ASP C 219 -13.39 5.92 -29.25
CA ASP C 219 -13.09 7.35 -29.22
C ASP C 219 -13.70 8.07 -28.02
N SER C 220 -14.53 7.39 -27.23
CA SER C 220 -15.12 7.96 -26.04
C SER C 220 -15.60 6.81 -25.16
N ASP C 221 -16.11 7.16 -23.97
CA ASP C 221 -16.62 6.14 -23.07
C ASP C 221 -17.78 5.36 -23.71
N LEU C 222 -18.73 6.09 -24.28
CA LEU C 222 -19.85 5.44 -24.94
C LEU C 222 -19.38 4.59 -26.11
N ASP C 223 -18.44 5.10 -26.91
CA ASP C 223 -17.91 4.32 -28.02
C ASP C 223 -17.14 3.10 -27.51
N GLN C 224 -16.42 3.24 -26.40
CA GLN C 224 -15.71 2.10 -25.85
C GLN C 224 -16.67 0.99 -25.43
N LEU C 225 -17.74 1.36 -24.72
CA LEU C 225 -18.75 0.37 -24.33
C LEU C 225 -19.41 -0.25 -25.56
N THR C 226 -19.72 0.58 -26.56
CA THR C 226 -20.36 0.07 -27.77
C THR C 226 -19.46 -0.93 -28.49
N ARG C 227 -18.15 -0.63 -28.57
CA ARG C 227 -17.23 -1.56 -29.22
C ARG C 227 -17.11 -2.85 -28.43
N ILE C 228 -17.04 -2.76 -27.10
CA ILE C 228 -16.98 -3.96 -26.28
C ILE C 228 -18.19 -4.84 -26.53
N PHE C 229 -19.38 -4.23 -26.58
CA PHE C 229 -20.59 -5.03 -26.74
C PHE C 229 -20.79 -5.52 -28.17
N GLU C 230 -20.31 -4.77 -29.16
CA GLU C 230 -20.38 -5.24 -30.54
C GLU C 230 -19.43 -6.42 -30.77
N THR C 231 -18.27 -6.42 -30.12
CA THR C 231 -17.31 -7.48 -30.34
C THR C 231 -17.55 -8.71 -29.46
N LEU C 232 -17.93 -8.49 -28.19
CA LEU C 232 -18.09 -9.58 -27.24
C LEU C 232 -19.54 -9.91 -26.92
N GLY C 233 -20.50 -9.12 -27.41
CA GLY C 233 -21.88 -9.35 -27.08
C GLY C 233 -22.34 -8.49 -25.91
N THR C 234 -23.55 -7.95 -25.99
CA THR C 234 -24.09 -7.20 -24.87
C THR C 234 -24.35 -8.16 -23.71
N PRO C 235 -23.80 -7.90 -22.53
CA PRO C 235 -24.05 -8.80 -21.39
C PRO C 235 -25.50 -8.71 -20.95
N THR C 236 -25.99 -9.81 -20.39
CA THR C 236 -27.34 -9.89 -19.86
C THR C 236 -27.28 -10.01 -18.34
N GLU C 237 -28.46 -10.09 -17.73
CA GLU C 237 -28.54 -10.23 -16.27
C GLU C 237 -27.92 -11.54 -15.81
N GLU C 238 -27.91 -12.56 -16.66
CA GLU C 238 -27.33 -13.84 -16.27
C GLU C 238 -25.80 -13.78 -16.26
N GLN C 239 -25.20 -13.11 -17.25
CA GLN C 239 -23.75 -13.04 -17.31
C GLN C 239 -23.20 -12.04 -16.30
N TRP C 240 -23.92 -10.94 -16.07
CA TRP C 240 -23.48 -9.85 -15.20
C TRP C 240 -24.63 -9.57 -14.24
N PRO C 241 -24.68 -10.26 -13.10
CA PRO C 241 -25.91 -10.25 -12.28
C PRO C 241 -26.36 -8.86 -11.84
N ASP C 242 -25.44 -7.96 -11.52
CA ASP C 242 -25.78 -6.66 -10.98
C ASP C 242 -25.39 -5.54 -11.94
N MET C 243 -25.53 -5.79 -13.24
CA MET C 243 -25.11 -4.82 -14.25
C MET C 243 -25.77 -3.47 -14.04
N CYS C 244 -27.09 -3.46 -13.88
CA CYS C 244 -27.85 -2.21 -13.81
C CYS C 244 -27.60 -1.43 -12.53
N SER C 245 -26.95 -2.01 -11.53
CA SER C 245 -26.70 -1.31 -10.28
C SER C 245 -25.53 -0.33 -10.38
N LEU C 246 -24.75 -0.38 -11.46
CA LEU C 246 -23.63 0.53 -11.58
C LEU C 246 -24.11 1.95 -11.86
N PRO C 247 -23.44 2.98 -11.31
CA PRO C 247 -24.02 4.33 -11.33
C PRO C 247 -24.27 4.90 -12.72
N ASP C 248 -23.40 4.62 -13.68
CA ASP C 248 -23.54 5.11 -15.05
C ASP C 248 -23.88 3.97 -16.01
N TYR C 249 -24.77 3.07 -15.58
CA TYR C 249 -25.17 1.96 -16.44
C TYR C 249 -25.97 2.47 -17.62
N VAL C 250 -25.45 2.27 -18.81
CA VAL C 250 -26.11 2.67 -20.05
C VAL C 250 -26.81 1.46 -20.63
N THR C 251 -28.13 1.52 -20.73
CA THR C 251 -28.89 0.43 -21.33
C THR C 251 -28.59 0.38 -22.82
N PHE C 252 -28.00 -0.73 -23.26
CA PHE C 252 -27.51 -0.86 -24.63
C PHE C 252 -28.35 -1.85 -25.41
N LYS C 253 -28.22 -1.79 -26.73
CA LYS C 253 -28.83 -2.78 -27.61
C LYS C 253 -28.18 -4.13 -27.40
N SER C 254 -28.93 -5.19 -27.67
CA SER C 254 -28.46 -6.56 -27.42
C SER C 254 -27.75 -7.10 -28.66
N PHE C 255 -26.48 -6.70 -28.80
CA PHE C 255 -25.70 -7.28 -29.88
C PHE C 255 -25.24 -8.68 -29.50
N PRO C 256 -25.10 -9.58 -30.48
CA PRO C 256 -24.72 -10.97 -30.16
C PRO C 256 -23.24 -11.13 -29.91
N GLY C 257 -22.42 -10.27 -30.53
CA GLY C 257 -20.98 -10.35 -30.37
C GLY C 257 -20.33 -11.41 -31.23
N ILE C 258 -19.16 -11.10 -31.76
CA ILE C 258 -18.46 -12.05 -32.63
C ILE C 258 -17.93 -13.20 -31.79
N PRO C 259 -18.06 -14.45 -32.23
CA PRO C 259 -17.45 -15.56 -31.50
C PRO C 259 -15.95 -15.41 -31.38
N LEU C 260 -15.41 -15.87 -30.25
CA LEU C 260 -14.00 -15.63 -29.93
C LEU C 260 -13.07 -16.26 -30.96
N HIS C 261 -13.41 -17.47 -31.44
CA HIS C 261 -12.57 -18.10 -32.45
C HIS C 261 -12.59 -17.35 -33.77
N HIS C 262 -13.64 -16.57 -34.03
CA HIS C 262 -13.69 -15.74 -35.23
C HIS C 262 -12.82 -14.49 -35.08
N ILE C 263 -12.73 -13.94 -33.88
CA ILE C 263 -11.89 -12.75 -33.66
C ILE C 263 -10.42 -13.14 -33.71
N PHE C 264 -10.02 -14.08 -32.87
CA PHE C 264 -8.65 -14.59 -32.85
C PHE C 264 -8.67 -15.94 -33.56
N SER C 265 -8.51 -15.89 -34.89
CA SER C 265 -8.63 -17.10 -35.69
C SER C 265 -7.52 -18.10 -35.37
N ALA C 266 -6.35 -17.62 -34.98
CA ALA C 266 -5.19 -18.48 -34.72
C ALA C 266 -5.07 -18.89 -33.27
N ALA C 267 -6.04 -18.54 -32.43
CA ALA C 267 -5.98 -18.85 -31.01
C ALA C 267 -6.50 -20.25 -30.74
N GLY C 268 -5.71 -21.05 -30.05
CA GLY C 268 -6.13 -22.39 -29.68
C GLY C 268 -7.20 -22.38 -28.60
N ASP C 269 -7.70 -23.58 -28.30
CA ASP C 269 -8.80 -23.70 -27.34
C ASP C 269 -8.39 -23.25 -25.95
N ASP C 270 -7.17 -23.60 -25.52
CA ASP C 270 -6.70 -23.15 -24.21
C ASP C 270 -6.54 -21.64 -24.15
N LEU C 271 -5.97 -21.05 -25.21
CA LEU C 271 -5.83 -19.60 -25.26
C LEU C 271 -7.19 -18.92 -25.33
N LEU C 272 -8.13 -19.50 -26.07
CA LEU C 272 -9.47 -18.95 -26.13
C LEU C 272 -10.16 -19.04 -24.77
N ASP C 273 -9.92 -20.12 -24.02
CA ASP C 273 -10.45 -20.23 -22.67
C ASP C 273 -9.87 -19.15 -21.77
N LEU C 274 -8.57 -18.91 -21.87
CA LEU C 274 -7.95 -17.84 -21.10
C LEU C 274 -8.54 -16.48 -21.45
N ILE C 275 -8.72 -16.22 -22.76
CA ILE C 275 -9.29 -14.95 -23.19
C ILE C 275 -10.70 -14.78 -22.66
N GLN C 276 -11.50 -15.84 -22.77
CA GLN C 276 -12.86 -15.79 -22.25
C GLN C 276 -12.87 -15.50 -20.75
N GLY C 277 -12.01 -16.17 -20.00
CA GLY C 277 -11.93 -15.89 -18.57
C GLY C 277 -11.52 -14.47 -18.27
N LEU C 278 -10.59 -13.92 -19.06
CA LEU C 278 -10.17 -12.54 -18.87
C LEU C 278 -11.22 -11.53 -19.32
N PHE C 279 -12.11 -11.92 -20.22
CA PHE C 279 -13.11 -11.01 -20.77
C PHE C 279 -14.53 -11.32 -20.25
N LEU C 280 -14.65 -12.10 -19.19
CA LEU C 280 -15.96 -12.28 -18.57
C LEU C 280 -16.47 -10.93 -18.08
N PHE C 281 -17.69 -10.60 -18.49
CA PHE C 281 -18.26 -9.31 -18.11
C PHE C 281 -18.44 -9.20 -16.60
N ASN C 282 -18.68 -10.32 -15.93
CA ASN C 282 -18.78 -10.31 -14.47
C ASN C 282 -17.38 -10.21 -13.87
N PRO C 283 -17.05 -9.11 -13.17
CA PRO C 283 -15.70 -9.00 -12.60
C PRO C 283 -15.39 -10.08 -11.58
N CYS C 284 -16.39 -10.50 -10.79
CA CYS C 284 -16.16 -11.55 -9.81
C CYS C 284 -15.83 -12.86 -10.49
N ALA C 285 -16.55 -13.21 -11.55
CA ALA C 285 -16.26 -14.42 -12.29
C ALA C 285 -15.01 -14.29 -13.14
N ARG C 286 -14.64 -13.06 -13.51
CA ARG C 286 -13.41 -12.85 -14.27
C ARG C 286 -12.23 -13.43 -13.50
N ILE C 287 -11.34 -14.11 -14.24
CA ILE C 287 -10.31 -14.91 -13.59
C ILE C 287 -9.26 -14.02 -12.96
N THR C 288 -8.85 -14.37 -11.74
CA THR C 288 -7.81 -13.65 -11.05
C THR C 288 -6.44 -14.01 -11.65
N ALA C 289 -5.41 -13.30 -11.19
CA ALA C 289 -4.06 -13.59 -11.67
C ALA C 289 -3.65 -15.01 -11.32
N THR C 290 -3.92 -15.44 -10.09
CA THR C 290 -3.58 -16.81 -9.69
C THR C 290 -4.35 -17.83 -10.51
N GLN C 291 -5.66 -17.63 -10.66
CA GLN C 291 -6.47 -18.55 -11.44
C GLN C 291 -6.01 -18.60 -12.89
N ALA C 292 -5.71 -17.43 -13.48
CA ALA C 292 -5.19 -17.40 -14.84
C ALA C 292 -3.88 -18.16 -14.94
N LEU C 293 -3.00 -18.00 -13.94
CA LEU C 293 -1.75 -18.74 -13.95
C LEU C 293 -1.99 -20.25 -13.86
N LYS C 294 -3.05 -20.67 -13.16
CA LYS C 294 -3.35 -22.08 -13.04
C LYS C 294 -4.00 -22.67 -14.29
N MET C 295 -4.41 -21.84 -15.25
CA MET C 295 -5.03 -22.36 -16.46
C MET C 295 -4.07 -23.20 -17.27
N LYS C 296 -4.63 -24.15 -18.01
CA LYS C 296 -3.83 -25.16 -18.69
C LYS C 296 -3.05 -24.53 -19.84
N TYR C 297 -3.48 -23.35 -20.31
CA TYR C 297 -2.78 -22.66 -21.40
C TYR C 297 -1.31 -22.45 -21.06
N PHE C 298 -1.01 -22.01 -19.84
CA PHE C 298 0.38 -21.73 -19.49
C PHE C 298 1.20 -23.01 -19.32
N SER C 299 0.55 -24.11 -18.93
CA SER C 299 1.24 -25.39 -18.78
C SER C 299 1.17 -26.26 -20.02
N ASN C 300 0.52 -25.81 -21.09
CA ASN C 300 0.51 -26.51 -22.37
C ASN C 300 1.81 -26.31 -23.14
N ARG C 301 2.05 -27.22 -24.07
CA ARG C 301 3.05 -27.00 -25.09
C ARG C 301 2.54 -25.95 -26.08
N PRO C 302 3.41 -25.05 -26.55
CA PRO C 302 4.81 -24.89 -26.17
C PRO C 302 4.95 -24.06 -24.90
N GLY C 303 6.10 -24.14 -24.24
CA GLY C 303 6.35 -23.37 -23.05
C GLY C 303 6.68 -21.93 -23.37
N PRO C 304 6.58 -21.06 -22.38
CA PRO C 304 6.98 -19.66 -22.59
C PRO C 304 8.45 -19.56 -22.95
N THR C 305 8.77 -18.67 -23.88
CA THR C 305 10.16 -18.47 -24.25
C THR C 305 10.92 -17.84 -23.09
N PRO C 306 12.20 -18.20 -22.90
CA PRO C 306 13.02 -17.52 -21.90
C PRO C 306 13.24 -16.06 -22.26
N GLY C 307 13.58 -15.28 -21.24
CA GLY C 307 13.71 -13.84 -21.43
C GLY C 307 14.72 -13.46 -22.50
N CYS C 308 15.85 -14.17 -22.54
CA CYS C 308 16.88 -13.84 -23.52
C CYS C 308 16.47 -14.15 -24.95
N GLN C 309 15.37 -14.88 -25.15
CA GLN C 309 14.88 -15.20 -26.48
C GLN C 309 13.68 -14.36 -26.89
N LEU C 310 13.17 -13.51 -26.00
CA LEU C 310 12.04 -12.68 -26.33
C LEU C 310 12.42 -11.66 -27.40
N PRO C 311 11.52 -11.34 -28.32
CA PRO C 311 11.86 -10.40 -29.40
C PRO C 311 12.13 -9.00 -28.85
N ARG C 312 13.09 -8.33 -29.47
CA ARG C 312 13.44 -6.97 -29.09
C ARG C 312 13.42 -6.07 -30.32
N PRO C 313 12.99 -4.81 -30.17
CA PRO C 313 12.92 -3.87 -31.29
C PRO C 313 14.23 -3.10 -31.48
C10 X2Z D . 13.71 3.46 -22.51
C13 X2Z D . 10.83 3.40 -24.99
C15 X2Z D . 10.24 1.99 -23.14
C17 X2Z D . 11.94 5.22 -20.88
C20 X2Z D . 9.04 7.52 -20.03
C21 X2Z D . 8.91 8.95 -20.43
C22 X2Z D . 7.65 9.55 -19.94
C01 X2Z D . 11.23 5.66 -15.13
C02 X2Z D . 10.64 4.44 -15.83
C03 X2Z D . 10.42 3.30 -14.84
C04 X2Z D . 11.52 4.00 -16.99
C05 X2Z D . 12.47 2.99 -16.96
C08 X2Z D . 12.67 4.20 -20.29
C11 X2Z D . 12.36 3.12 -23.16
C12 X2Z D . 12.05 3.68 -24.39
C14 X2Z D . 9.93 2.55 -24.37
C16 X2Z D . 11.46 2.28 -22.54
C18 X2Z D . 11.00 5.89 -20.12
C23 X2Z D . 6.43 8.74 -20.39
C25 X2Z D . 7.80 6.70 -20.45
C27 X2Z D . 11.53 4.55 -18.30
N06 X2Z D . 13.02 2.93 -18.17
N07 X2Z D . 12.42 3.90 -19.00
N09 X2Z D . 13.68 3.46 -21.05
N19 X2Z D . 10.22 6.96 -20.73
N24 X2Z D . 6.53 7.31 -20.00
N26 X2Z D . 10.80 5.55 -18.85
#